data_4WYD
#
_entry.id   4WYD
#
_cell.length_a   63.104
_cell.length_b   66.49
_cell.length_c   204.65
_cell.angle_alpha   90.0
_cell.angle_beta   90.0
_cell.angle_gamma   90.0
#
_symmetry.space_group_name_H-M   'P 21 21 21'
#
loop_
_entity.id
_entity.type
_entity.pdbx_description
1 polymer 'Adenosylmethionine-8-amino-7-oxononanoate aminotransferase'
2 non-polymer "PYRIDOXAL-5'-PHOSPHATE"
3 non-polymer N-methyl-1-[4-(1H-pyrazol-1-ylmethyl)phenyl]methanamine
4 non-polymer '4-(2-HYDROXYETHYL)-1-PIPERAZINE ETHANESULFONIC ACID'
5 non-polymer 1,2-ETHANEDIOL
6 water water
#
_entity_poly.entity_id   1
_entity_poly.type   'polypeptide(L)'
_entity_poly.pdbx_seq_one_letter_code
;MGSSHHHHHHSSGLVPRGSHMAAATGGLTPEQIIAVDGAHLWHPYSSIGREAVSPVVAVAAHGAWLTLIRDGQPIEVLDA
MSSWWTAIHGHGHPALDQALTTQLRVMNHVMFGGLTHEPAARLAKLLVDITPAGLDTVFFSDSGSVSVEVAAKMALQYWR
GRGLPGKRRLMTWRGGYHGDTFLAMSICDPHGGMHSLWTDVLAAQVFAPQVPRDYDPAYSAAFEAQLAQHAGELAAVVVE
PVVQGAGGMRFHDPRYLHDLRDICRRYEVLLIFDEIATGFGRTGALFAADHAGVSPDIMCVGKALTGGYLSLAATLCTAD
VAHTISAGAAGALMHGPTFMANPLACAVSVASVELLLGQDWRTRITELAAGLTAGLDTARALPAVTDVRVCGAIGVIECD
RPVDLAVATPAALDRGVWLRPFRNLVYAMPPYICTPAEITQITSAMVEVARLVGSLP
;
_entity_poly.pdbx_strand_id   A,B
#
loop_
_chem_comp.id
_chem_comp.type
_chem_comp.name
_chem_comp.formula
3VR non-polymer N-methyl-1-[4-(1H-pyrazol-1-ylmethyl)phenyl]methanamine 'C12 H15 N3'
EDO non-polymer 1,2-ETHANEDIOL 'C2 H6 O2'
EPE non-polymer '4-(2-HYDROXYETHYL)-1-PIPERAZINE ETHANESULFONIC ACID' 'C8 H18 N2 O4 S'
PLP non-polymer PYRIDOXAL-5'-PHOSPHATE 'C8 H10 N O6 P'
#
# COMPACT_ATOMS: atom_id res chain seq x y z
N LEU A 28 -18.97 -13.72 15.19
CA LEU A 28 -20.11 -13.09 14.55
C LEU A 28 -20.82 -14.05 13.60
N THR A 29 -22.15 -14.09 13.68
CA THR A 29 -22.95 -14.82 12.73
C THR A 29 -22.92 -14.08 11.39
N PRO A 30 -23.29 -14.75 10.30
CA PRO A 30 -23.36 -14.05 9.02
C PRO A 30 -24.30 -12.83 9.06
N GLU A 31 -25.39 -12.92 9.82
CA GLU A 31 -26.30 -11.79 9.94
C GLU A 31 -25.65 -10.63 10.68
N GLN A 32 -24.86 -10.94 11.70
CA GLN A 32 -24.15 -9.92 12.46
C GLN A 32 -23.10 -9.24 11.59
N ILE A 33 -22.41 -10.03 10.77
CA ILE A 33 -21.41 -9.52 9.85
C ILE A 33 -22.05 -8.55 8.85
N ILE A 34 -23.18 -8.95 8.30
CA ILE A 34 -23.92 -8.08 7.37
C ILE A 34 -24.33 -6.77 8.04
N ALA A 35 -24.80 -6.84 9.27
CA ALA A 35 -25.19 -5.65 10.02
C ALA A 35 -24.03 -4.69 10.25
N VAL A 36 -22.90 -5.22 10.71
CA VAL A 36 -21.73 -4.39 10.96
C VAL A 36 -21.20 -3.82 9.64
N ASP A 37 -21.16 -4.67 8.63
CA ASP A 37 -20.69 -4.28 7.31
C ASP A 37 -21.52 -3.12 6.74
N GLY A 38 -22.85 -3.23 6.80
CA GLY A 38 -23.71 -2.18 6.29
C GLY A 38 -23.52 -0.87 7.03
N ALA A 39 -23.29 -0.96 8.34
CA ALA A 39 -23.17 0.24 9.16
C ALA A 39 -21.81 0.94 9.03
N HIS A 40 -20.75 0.17 8.81
CA HIS A 40 -19.40 0.70 9.03
C HIS A 40 -18.35 0.47 7.96
N LEU A 41 -18.60 -0.43 7.01
CA LEU A 41 -17.56 -0.79 6.05
C LEU A 41 -17.77 -0.18 4.67
N TRP A 42 -16.77 0.58 4.23
CA TRP A 42 -16.76 1.10 2.87
C TRP A 42 -16.13 0.07 1.94
N HIS A 43 -16.85 -0.34 0.90
CA HIS A 43 -16.34 -1.31 -0.06
C HIS A 43 -15.71 -0.62 -1.28
N PRO A 44 -14.91 -1.38 -2.06
CA PRO A 44 -14.19 -0.77 -3.19
C PRO A 44 -15.12 -0.10 -4.20
N TYR A 45 -14.71 1.04 -4.72
CA TYR A 45 -15.32 1.62 -5.90
C TYR A 45 -16.82 1.82 -5.72
N SER A 46 -17.23 2.25 -4.53
CA SER A 46 -18.65 2.24 -4.20
C SER A 46 -19.12 3.50 -3.50
N SER A 47 -20.43 3.66 -3.45
CA SER A 47 -21.08 4.71 -2.69
C SER A 47 -21.69 4.07 -1.48
N ILE A 48 -21.09 4.27 -0.32
CA ILE A 48 -21.50 3.57 0.88
C ILE A 48 -22.94 3.94 1.27
N GLY A 49 -23.74 2.91 1.56
CA GLY A 49 -25.15 3.09 1.87
C GLY A 49 -26.05 3.29 0.66
N ARG A 50 -25.48 3.17 -0.54
CA ARG A 50 -26.23 3.41 -1.77
C ARG A 50 -26.11 2.32 -2.81
N GLU A 51 -25.49 1.19 -2.45
CA GLU A 51 -25.29 0.12 -3.42
C GLU A 51 -26.47 -0.84 -3.48
N ALA A 52 -26.93 -1.12 -4.70
CA ALA A 52 -28.07 -2.00 -4.91
C ALA A 52 -27.75 -3.45 -4.55
N VAL A 53 -26.50 -3.85 -4.79
CA VAL A 53 -26.08 -5.22 -4.51
C VAL A 53 -25.17 -5.27 -3.28
N SER A 54 -25.68 -5.86 -2.21
CA SER A 54 -24.97 -5.94 -0.94
CA SER A 54 -24.96 -5.94 -0.95
C SER A 54 -23.88 -7.00 -1.01
N PRO A 55 -22.85 -6.89 -0.16
N PRO A 55 -22.84 -6.87 -0.19
CA PRO A 55 -21.79 -7.90 -0.21
CA PRO A 55 -21.78 -7.88 -0.14
C PRO A 55 -22.28 -9.24 0.30
C PRO A 55 -22.29 -9.24 0.31
N VAL A 56 -21.69 -10.31 -0.23
CA VAL A 56 -22.00 -11.66 0.18
C VAL A 56 -20.98 -12.07 1.24
N VAL A 57 -21.45 -12.66 2.34
CA VAL A 57 -20.52 -13.08 3.40
C VAL A 57 -19.72 -14.30 2.98
N ALA A 58 -18.41 -14.21 3.08
CA ALA A 58 -17.50 -15.34 2.84
C ALA A 58 -17.02 -15.88 4.18
N VAL A 59 -17.09 -17.19 4.36
CA VAL A 59 -16.71 -17.77 5.64
C VAL A 59 -15.56 -18.77 5.56
N ALA A 60 -15.18 -19.18 4.35
CA ALA A 60 -14.06 -20.10 4.19
C ALA A 60 -13.56 -20.04 2.76
N ALA A 61 -12.31 -20.45 2.56
CA ALA A 61 -11.75 -20.61 1.22
C ALA A 61 -10.73 -21.72 1.25
N HIS A 62 -10.87 -22.66 0.33
CA HIS A 62 -9.99 -23.83 0.26
CA HIS A 62 -9.95 -23.79 0.25
C HIS A 62 -9.82 -24.24 -1.20
N GLY A 63 -8.58 -24.33 -1.67
CA GLY A 63 -8.34 -24.65 -3.05
C GLY A 63 -8.99 -23.60 -3.94
N ALA A 64 -9.70 -24.04 -4.97
CA ALA A 64 -10.34 -23.12 -5.91
C ALA A 64 -11.73 -22.68 -5.45
N TRP A 65 -12.10 -23.06 -4.24
CA TRP A 65 -13.48 -22.89 -3.78
C TRP A 65 -13.64 -21.93 -2.61
N LEU A 66 -14.70 -21.13 -2.65
CA LEU A 66 -15.10 -20.27 -1.54
C LEU A 66 -16.36 -20.85 -0.91
N THR A 67 -16.50 -20.69 0.39
CA THR A 67 -17.77 -20.97 1.06
C THR A 67 -18.42 -19.63 1.35
N LEU A 68 -19.56 -19.40 0.69
CA LEU A 68 -20.30 -18.15 0.86
C LEU A 68 -21.63 -18.44 1.54
N ILE A 69 -22.21 -17.43 2.18
CA ILE A 69 -23.51 -17.59 2.82
C ILE A 69 -24.58 -16.99 1.92
N ARG A 70 -25.56 -17.80 1.57
CA ARG A 70 -26.64 -17.34 0.73
C ARG A 70 -27.94 -17.83 1.31
N ASP A 71 -28.86 -16.90 1.57
CA ASP A 71 -30.14 -17.23 2.19
C ASP A 71 -29.92 -17.99 3.50
N GLY A 72 -28.89 -17.59 4.23
CA GLY A 72 -28.59 -18.17 5.53
C GLY A 72 -27.87 -19.51 5.50
N GLN A 73 -27.58 -20.01 4.30
CA GLN A 73 -26.95 -21.32 4.16
C GLN A 73 -25.61 -21.25 3.45
N PRO A 74 -24.64 -22.07 3.87
CA PRO A 74 -23.36 -22.09 3.17
C PRO A 74 -23.46 -22.76 1.80
N ILE A 75 -22.88 -22.10 0.79
CA ILE A 75 -22.75 -22.68 -0.55
C ILE A 75 -21.30 -22.67 -0.99
N GLU A 76 -20.89 -23.70 -1.72
CA GLU A 76 -19.56 -23.79 -2.29
C GLU A 76 -19.55 -23.21 -3.68
N VAL A 77 -18.68 -22.25 -3.93
CA VAL A 77 -18.57 -21.66 -5.27
C VAL A 77 -17.12 -21.58 -5.73
N LEU A 78 -16.91 -21.74 -7.03
CA LEU A 78 -15.58 -21.57 -7.62
C LEU A 78 -15.14 -20.11 -7.62
N ASP A 79 -13.92 -19.86 -7.16
CA ASP A 79 -13.35 -18.52 -7.18
C ASP A 79 -12.82 -18.22 -8.58
N ALA A 80 -13.73 -17.94 -9.51
CA ALA A 80 -13.37 -17.77 -10.91
C ALA A 80 -12.54 -16.52 -11.15
N MET A 81 -12.52 -15.63 -10.17
CA MET A 81 -11.80 -14.37 -10.26
C MET A 81 -10.43 -14.46 -9.61
N SER A 82 -10.11 -15.62 -9.03
CA SER A 82 -8.90 -15.77 -8.21
CA SER A 82 -8.95 -15.81 -8.16
C SER A 82 -8.77 -14.64 -7.19
N SER A 83 -9.88 -14.18 -6.63
CA SER A 83 -9.86 -13.09 -5.65
C SER A 83 -9.08 -11.90 -6.20
N TRP A 84 -9.61 -11.33 -7.28
CA TRP A 84 -8.99 -10.20 -7.97
C TRP A 84 -7.59 -10.56 -8.49
N TRP A 85 -7.49 -11.77 -9.03
CA TRP A 85 -6.39 -12.14 -9.91
C TRP A 85 -5.12 -12.44 -9.12
N THR A 86 -5.29 -12.90 -7.88
CA THR A 86 -4.17 -13.11 -6.99
C THR A 86 -3.95 -14.59 -6.65
N ALA A 87 -5.03 -15.36 -6.52
CA ALA A 87 -4.97 -16.70 -5.92
C ALA A 87 -4.61 -17.76 -6.95
N ILE A 88 -3.43 -17.62 -7.56
CA ILE A 88 -3.03 -18.50 -8.67
C ILE A 88 -2.91 -19.98 -8.27
N HIS A 89 -2.57 -20.26 -7.02
CA HIS A 89 -2.47 -21.63 -6.55
C HIS A 89 -3.66 -22.03 -5.70
N GLY A 90 -4.72 -21.23 -5.75
CA GLY A 90 -5.86 -21.45 -4.89
C GLY A 90 -5.60 -21.00 -3.47
N HIS A 91 -6.59 -21.21 -2.61
CA HIS A 91 -6.51 -20.80 -1.22
C HIS A 91 -6.05 -21.96 -0.35
N GLY A 92 -5.34 -21.65 0.73
CA GLY A 92 -4.97 -22.66 1.69
C GLY A 92 -4.11 -23.76 1.10
N HIS A 93 -3.22 -23.41 0.18
CA HIS A 93 -2.26 -24.38 -0.34
C HIS A 93 -1.26 -24.71 0.77
N PRO A 94 -1.01 -26.00 1.01
CA PRO A 94 -0.17 -26.38 2.15
C PRO A 94 1.26 -25.81 2.07
N ALA A 95 1.83 -25.69 0.88
CA ALA A 95 3.19 -25.14 0.77
C ALA A 95 3.23 -23.67 1.17
N LEU A 96 2.20 -22.93 0.77
CA LEU A 96 2.14 -21.51 1.06
C LEU A 96 1.76 -21.28 2.53
N ASP A 97 0.80 -22.06 3.03
CA ASP A 97 0.43 -21.99 4.44
C ASP A 97 1.64 -22.23 5.33
N GLN A 98 2.37 -23.28 5.02
CA GLN A 98 3.51 -23.61 5.88
C GLN A 98 4.67 -22.63 5.75
N ALA A 99 4.83 -22.02 4.58
CA ALA A 99 5.86 -21.00 4.44
C ALA A 99 5.54 -19.83 5.37
N LEU A 100 4.26 -19.47 5.46
CA LEU A 100 3.84 -18.39 6.34
CA LEU A 100 3.84 -18.39 6.35
C LEU A 100 4.07 -18.76 7.81
N THR A 101 3.60 -19.93 8.22
CA THR A 101 3.70 -20.30 9.62
C THR A 101 5.16 -20.55 10.04
N THR A 102 5.98 -21.04 9.12
CA THR A 102 7.39 -21.20 9.41
C THR A 102 8.05 -19.83 9.68
N GLN A 103 7.75 -18.84 8.84
CA GLN A 103 8.32 -17.52 9.05
C GLN A 103 7.74 -16.86 10.31
N LEU A 104 6.47 -17.12 10.59
CA LEU A 104 5.80 -16.54 11.76
C LEU A 104 6.50 -16.97 13.05
N ARG A 105 6.98 -18.20 13.07
CA ARG A 105 7.68 -18.70 14.24
C ARG A 105 9.03 -18.02 14.45
N VAL A 106 9.73 -17.74 13.35
CA VAL A 106 11.09 -17.19 13.39
CA VAL A 106 11.08 -17.20 13.46
C VAL A 106 11.12 -15.67 13.59
N MET A 107 10.38 -14.96 12.73
CA MET A 107 10.46 -13.51 12.70
C MET A 107 9.33 -12.94 11.86
N ASN A 108 8.35 -12.32 12.52
CA ASN A 108 7.21 -11.78 11.80
C ASN A 108 7.57 -10.60 10.90
N HIS A 109 8.38 -9.69 11.44
CA HIS A 109 8.68 -8.46 10.74
C HIS A 109 9.76 -7.69 11.48
N VAL A 110 10.66 -7.07 10.72
CA VAL A 110 11.62 -6.10 11.25
C VAL A 110 11.67 -4.95 10.26
N MET A 111 12.09 -3.77 10.71
CA MET A 111 12.16 -2.61 9.81
C MET A 111 13.28 -2.78 8.79
N PHE A 112 13.00 -2.43 7.53
CA PHE A 112 13.97 -2.59 6.45
C PHE A 112 14.90 -1.39 6.40
N GLY A 113 14.65 -0.39 7.24
CA GLY A 113 15.57 0.72 7.37
C GLY A 113 16.70 0.35 8.31
N GLY A 114 17.79 -0.20 7.76
CA GLY A 114 18.95 -0.57 8.54
C GLY A 114 19.15 -2.06 8.71
N LEU A 115 18.13 -2.85 8.40
CA LEU A 115 18.18 -4.30 8.55
C LEU A 115 17.85 -5.00 7.25
N THR A 116 18.37 -6.22 7.10
CA THR A 116 17.96 -7.07 6.00
C THR A 116 17.68 -8.47 6.52
N HIS A 117 17.14 -9.34 5.67
CA HIS A 117 16.75 -10.66 6.13
C HIS A 117 16.60 -11.66 4.99
N GLU A 118 16.50 -12.92 5.36
CA GLU A 118 16.47 -14.02 4.40
C GLU A 118 15.27 -13.99 3.42
N PRO A 119 14.03 -13.79 3.91
CA PRO A 119 12.92 -13.76 2.95
C PRO A 119 13.07 -12.67 1.88
N ALA A 120 13.55 -11.49 2.26
CA ALA A 120 13.76 -10.43 1.26
C ALA A 120 14.83 -10.84 0.25
N ALA A 121 15.93 -11.41 0.75
CA ALA A 121 17.00 -11.84 -0.13
C ALA A 121 16.55 -12.96 -1.05
N ARG A 122 15.85 -13.96 -0.51
CA ARG A 122 15.39 -15.06 -1.33
C ARG A 122 14.44 -14.58 -2.43
N LEU A 123 13.53 -13.69 -2.06
CA LEU A 123 12.55 -13.21 -3.02
C LEU A 123 13.19 -12.33 -4.08
N ALA A 124 14.09 -11.44 -3.67
CA ALA A 124 14.77 -10.58 -4.64
C ALA A 124 15.56 -11.42 -5.64
N LYS A 125 16.29 -12.42 -5.14
CA LYS A 125 17.05 -13.30 -6.01
C LYS A 125 16.15 -13.98 -7.03
N LEU A 126 15.00 -14.49 -6.58
CA LEU A 126 14.05 -15.13 -7.49
C LEU A 126 13.53 -14.15 -8.53
N LEU A 127 13.14 -12.96 -8.09
CA LEU A 127 12.53 -12.01 -9.00
C LEU A 127 13.51 -11.54 -10.06
N VAL A 128 14.74 -11.25 -9.66
CA VAL A 128 15.75 -10.83 -10.63
CA VAL A 128 15.72 -10.81 -10.67
C VAL A 128 15.99 -11.91 -11.68
N ASP A 129 15.97 -13.17 -11.24
CA ASP A 129 16.28 -14.28 -12.13
CA ASP A 129 16.26 -14.30 -12.12
C ASP A 129 15.17 -14.56 -13.14
N ILE A 130 13.91 -14.37 -12.76
CA ILE A 130 12.81 -14.76 -13.65
C ILE A 130 12.22 -13.63 -14.48
N THR A 131 12.50 -12.39 -14.10
CA THR A 131 12.01 -11.24 -14.84
C THR A 131 12.87 -11.00 -16.08
N PRO A 132 12.37 -10.21 -17.05
CA PRO A 132 13.15 -9.90 -18.26
C PRO A 132 14.58 -9.46 -17.93
N ALA A 133 15.51 -9.86 -18.80
CA ALA A 133 16.92 -9.60 -18.60
C ALA A 133 17.23 -8.14 -18.30
N GLY A 134 18.15 -7.92 -17.37
CA GLY A 134 18.61 -6.58 -17.08
C GLY A 134 17.98 -5.97 -15.85
N LEU A 135 16.89 -6.56 -15.37
CA LEU A 135 16.24 -6.04 -14.18
C LEU A 135 16.90 -6.70 -12.97
N ASP A 136 17.81 -5.99 -12.33
CA ASP A 136 18.63 -6.62 -11.30
C ASP A 136 18.55 -5.94 -9.93
N THR A 137 17.64 -4.99 -9.80
CA THR A 137 17.46 -4.27 -8.55
CA THR A 137 17.44 -4.40 -8.48
C THR A 137 15.96 -4.29 -8.16
N VAL A 138 15.66 -4.53 -6.90
CA VAL A 138 14.28 -4.72 -6.45
C VAL A 138 13.95 -3.79 -5.30
N PHE A 139 12.90 -2.98 -5.47
CA PHE A 139 12.37 -2.14 -4.42
C PHE A 139 11.02 -2.70 -4.01
N PHE A 140 10.93 -3.28 -2.81
CA PHE A 140 9.68 -3.84 -2.33
C PHE A 140 8.73 -2.76 -1.80
N SER A 141 7.43 -2.96 -2.01
CA SER A 141 6.43 -2.11 -1.39
C SER A 141 5.21 -2.94 -0.99
N ASP A 142 4.19 -2.26 -0.47
CA ASP A 142 3.08 -2.96 0.16
C ASP A 142 1.87 -3.10 -0.73
N SER A 143 1.87 -2.46 -1.89
CA SER A 143 0.74 -2.56 -2.80
C SER A 143 1.07 -2.16 -4.21
N GLY A 144 0.23 -2.60 -5.14
CA GLY A 144 0.47 -2.35 -6.54
C GLY A 144 0.48 -0.86 -6.86
N SER A 145 -0.49 -0.11 -6.36
CA SER A 145 -0.53 1.33 -6.64
C SER A 145 0.76 2.00 -6.15
N VAL A 146 1.24 1.64 -4.97
CA VAL A 146 2.47 2.22 -4.47
C VAL A 146 3.65 1.84 -5.36
N SER A 147 3.69 0.61 -5.85
CA SER A 147 4.80 0.19 -6.71
C SER A 147 4.82 1.01 -8.02
N VAL A 148 3.65 1.43 -8.50
CA VAL A 148 3.58 2.29 -9.67
C VAL A 148 4.11 3.69 -9.34
N GLU A 149 3.75 4.21 -8.17
CA GLU A 149 4.26 5.51 -7.73
C GLU A 149 5.79 5.44 -7.62
N VAL A 150 6.30 4.32 -7.10
CA VAL A 150 7.74 4.14 -6.99
C VAL A 150 8.39 4.09 -8.37
N ALA A 151 7.78 3.37 -9.32
CA ALA A 151 8.29 3.31 -10.69
C ALA A 151 8.38 4.70 -11.30
N ALA A 152 7.33 5.48 -11.13
CA ALA A 152 7.31 6.84 -11.65
C ALA A 152 8.38 7.70 -10.98
N LYS A 153 8.53 7.56 -9.67
CA LYS A 153 9.54 8.30 -8.93
C LYS A 153 10.93 7.93 -9.44
N MET A 154 11.15 6.64 -9.66
CA MET A 154 12.42 6.20 -10.25
C MET A 154 12.70 6.86 -11.59
N ALA A 155 11.71 6.86 -12.47
CA ALA A 155 11.88 7.46 -13.78
C ALA A 155 12.16 8.97 -13.70
N LEU A 156 11.40 9.69 -12.89
CA LEU A 156 11.59 11.14 -12.76
CA LEU A 156 11.58 11.13 -12.76
C LEU A 156 12.94 11.45 -12.13
N GLN A 157 13.29 10.70 -11.09
CA GLN A 157 14.56 10.96 -10.42
C GLN A 157 15.77 10.59 -11.28
N TYR A 158 15.62 9.55 -12.11
CA TYR A 158 16.63 9.17 -13.08
C TYR A 158 17.04 10.38 -13.91
N TRP A 159 16.06 11.08 -14.48
CA TRP A 159 16.37 12.24 -15.33
C TRP A 159 16.90 13.43 -14.54
N ARG A 160 16.49 13.57 -13.28
CA ARG A 160 17.11 14.56 -12.41
C ARG A 160 18.58 14.24 -12.21
N GLY A 161 18.89 12.96 -12.04
CA GLY A 161 20.27 12.52 -11.91
C GLY A 161 21.08 12.76 -13.17
N ARG A 162 20.42 12.77 -14.33
CA ARG A 162 21.07 13.05 -15.61
C ARG A 162 21.19 14.55 -15.89
N GLY A 163 20.62 15.38 -15.03
CA GLY A 163 20.63 16.81 -15.23
C GLY A 163 19.63 17.28 -16.28
N LEU A 164 18.55 16.51 -16.45
CA LEU A 164 17.47 16.86 -17.37
C LEU A 164 16.12 16.82 -16.67
N PRO A 165 15.90 17.73 -15.71
CA PRO A 165 14.68 17.69 -14.90
C PRO A 165 13.42 18.09 -15.68
N GLY A 166 13.61 18.58 -16.90
CA GLY A 166 12.48 18.86 -17.77
C GLY A 166 11.77 17.59 -18.23
N LYS A 167 12.45 16.45 -18.12
CA LYS A 167 11.84 15.18 -18.48
C LYS A 167 10.99 14.69 -17.32
N ARG A 168 9.76 15.20 -17.26
CA ARG A 168 8.96 15.05 -16.05
C ARG A 168 7.55 14.54 -16.30
N ARG A 169 7.18 14.32 -17.55
CA ARG A 169 5.86 13.81 -17.88
C ARG A 169 5.93 12.33 -18.22
N LEU A 170 4.77 11.67 -18.19
CA LEU A 170 4.67 10.28 -18.60
C LEU A 170 3.85 10.18 -19.86
N MET A 171 4.13 9.18 -20.68
CA MET A 171 3.32 8.90 -21.84
C MET A 171 2.76 7.49 -21.75
N THR A 172 1.51 7.32 -22.17
CA THR A 172 0.92 6.00 -22.24
C THR A 172 -0.08 5.95 -23.38
N TRP A 173 -0.68 4.78 -23.59
CA TRP A 173 -1.76 4.67 -24.55
C TRP A 173 -3.08 4.58 -23.81
N ARG A 174 -4.18 4.88 -24.49
CA ARG A 174 -5.50 4.83 -23.87
C ARG A 174 -5.88 3.41 -23.51
N GLY A 175 -6.90 3.27 -22.66
CA GLY A 175 -7.38 1.97 -22.22
C GLY A 175 -6.68 1.41 -20.99
N GLY A 176 -5.76 2.18 -20.41
CA GLY A 176 -4.91 1.67 -19.35
C GLY A 176 -5.44 1.89 -17.95
N TYR A 177 -4.87 1.15 -17.01
CA TYR A 177 -5.18 1.28 -15.59
C TYR A 177 -3.93 0.96 -14.81
N HIS A 178 -3.60 1.78 -13.81
CA HIS A 178 -2.35 1.60 -13.09
C HIS A 178 -2.47 1.80 -11.57
N GLY A 179 -3.70 1.77 -11.05
CA GLY A 179 -3.92 1.92 -9.63
C GLY A 179 -4.65 3.19 -9.24
N ASP A 180 -4.78 3.44 -7.95
CA ASP A 180 -5.74 4.41 -7.45
C ASP A 180 -5.12 5.58 -6.68
N THR A 181 -3.82 5.54 -6.44
CA THR A 181 -3.16 6.69 -5.84
C THR A 181 -3.05 7.80 -6.90
N PHE A 182 -2.81 9.03 -6.48
CA PHE A 182 -2.99 10.17 -7.40
C PHE A 182 -2.08 10.22 -8.62
N LEU A 183 -0.81 9.83 -8.50
CA LEU A 183 0.02 9.80 -9.70
CA LEU A 183 0.03 9.79 -9.70
C LEU A 183 -0.38 8.62 -10.59
N ALA A 184 -0.68 7.48 -9.99
CA ALA A 184 -1.14 6.33 -10.75
C ALA A 184 -2.42 6.68 -11.52
N MET A 185 -3.31 7.46 -10.91
CA MET A 185 -4.54 7.88 -11.57
C MET A 185 -4.27 8.68 -12.85
N SER A 186 -3.13 9.37 -12.89
CA SER A 186 -2.84 10.28 -14.00
C SER A 186 -2.59 9.56 -15.31
N ILE A 187 -2.34 8.26 -15.24
CA ILE A 187 -2.12 7.49 -16.47
C ILE A 187 -3.26 6.50 -16.74
N CYS A 188 -4.31 6.57 -15.92
CA CYS A 188 -5.55 5.85 -16.21
C CYS A 188 -6.22 6.46 -17.42
N ASP A 189 -6.89 5.63 -18.20
CA ASP A 189 -7.67 6.05 -19.37
CA ASP A 189 -7.64 6.10 -19.37
C ASP A 189 -8.50 7.30 -19.02
N PRO A 190 -8.25 8.43 -19.68
CA PRO A 190 -8.88 9.72 -19.34
C PRO A 190 -10.38 9.82 -19.57
N HIS A 191 -10.91 9.06 -20.51
CA HIS A 191 -12.33 9.18 -20.83
C HIS A 191 -13.13 8.05 -20.24
N GLY A 192 -12.73 6.81 -20.54
CA GLY A 192 -13.44 5.64 -20.08
C GLY A 192 -12.95 5.08 -18.76
N GLY A 193 -11.81 5.56 -18.29
CA GLY A 193 -11.24 5.07 -17.05
C GLY A 193 -12.01 5.50 -15.82
N MET A 194 -11.85 4.75 -14.74
N MET A 194 -11.83 4.77 -14.73
CA MET A 194 -12.61 5.01 -13.52
CA MET A 194 -12.61 4.99 -13.52
C MET A 194 -12.28 6.37 -12.89
C MET A 194 -12.20 6.26 -12.77
N HIS A 195 -11.11 6.89 -13.21
CA HIS A 195 -10.63 8.12 -12.56
C HIS A 195 -10.91 9.37 -13.39
N SER A 196 -11.80 9.25 -14.37
CA SER A 196 -12.01 10.31 -15.35
C SER A 196 -12.47 11.64 -14.74
N LEU A 197 -13.20 11.59 -13.64
CA LEU A 197 -13.71 12.82 -13.04
C LEU A 197 -12.61 13.65 -12.36
N TRP A 198 -11.45 13.03 -12.15
CA TRP A 198 -10.36 13.69 -11.46
C TRP A 198 -9.36 14.38 -12.40
N THR A 199 -9.62 14.29 -13.70
CA THR A 199 -8.69 14.81 -14.72
C THR A 199 -8.16 16.22 -14.42
N ASP A 200 -9.05 17.08 -13.92
CA ASP A 200 -8.70 18.48 -13.66
C ASP A 200 -7.65 18.67 -12.56
N VAL A 201 -7.47 17.68 -11.69
CA VAL A 201 -6.51 17.82 -10.60
C VAL A 201 -5.31 16.87 -10.71
N LEU A 202 -5.29 16.06 -11.75
CA LEU A 202 -4.21 15.11 -11.96
C LEU A 202 -3.08 15.72 -12.79
N ALA A 203 -1.88 15.16 -12.65
CA ALA A 203 -0.78 15.49 -13.56
C ALA A 203 -1.25 15.24 -14.99
N ALA A 204 -0.93 16.18 -15.88
CA ALA A 204 -1.38 16.11 -17.25
C ALA A 204 -0.38 15.29 -18.07
N GLN A 205 -0.73 14.06 -18.39
CA GLN A 205 0.19 13.16 -19.09
C GLN A 205 -0.10 13.12 -20.59
N VAL A 206 0.75 12.43 -21.34
CA VAL A 206 0.59 12.34 -22.79
C VAL A 206 -0.06 11.01 -23.15
N PHE A 207 -1.15 11.05 -23.91
CA PHE A 207 -1.89 9.85 -24.30
C PHE A 207 -1.89 9.61 -25.79
N ALA A 208 -1.41 8.43 -26.20
CA ALA A 208 -1.60 7.94 -27.54
C ALA A 208 -2.96 7.26 -27.62
N PRO A 209 -3.49 7.09 -28.83
CA PRO A 209 -4.78 6.41 -28.99
C PRO A 209 -4.76 4.98 -28.46
N GLN A 210 -5.95 4.41 -28.29
CA GLN A 210 -6.10 3.02 -27.89
C GLN A 210 -5.26 2.11 -28.79
N VAL A 211 -4.42 1.28 -28.18
CA VAL A 211 -3.64 0.33 -28.96
C VAL A 211 -4.58 -0.75 -29.51
N PRO A 212 -4.52 -1.02 -30.82
CA PRO A 212 -5.44 -1.98 -31.43
C PRO A 212 -5.08 -3.43 -31.08
N ARG A 213 -6.01 -4.34 -31.29
CA ARG A 213 -5.73 -5.75 -31.04
C ARG A 213 -4.74 -6.32 -32.05
N ASP A 214 -5.02 -6.09 -33.34
CA ASP A 214 -4.16 -6.61 -34.40
C ASP A 214 -3.01 -5.64 -34.64
N TYR A 215 -1.89 -6.17 -35.13
CA TYR A 215 -0.73 -5.34 -35.36
C TYR A 215 -0.90 -4.45 -36.59
N ASP A 216 -0.70 -3.16 -36.40
CA ASP A 216 -0.78 -2.18 -37.48
C ASP A 216 0.43 -1.27 -37.37
N PRO A 217 1.38 -1.39 -38.31
CA PRO A 217 2.59 -0.57 -38.28
C PRO A 217 2.29 0.94 -38.23
N ALA A 218 1.14 1.34 -38.76
CA ALA A 218 0.76 2.75 -38.73
C ALA A 218 0.55 3.25 -37.30
N TYR A 219 0.07 2.37 -36.43
CA TYR A 219 -0.13 2.75 -35.04
C TYR A 219 1.21 3.08 -34.39
N SER A 220 2.19 2.20 -34.60
CA SER A 220 3.52 2.40 -34.03
C SER A 220 4.19 3.65 -34.60
N ALA A 221 4.03 3.88 -35.90
CA ALA A 221 4.58 5.08 -36.53
C ALA A 221 4.00 6.34 -35.89
N ALA A 222 2.70 6.36 -35.64
CA ALA A 222 2.04 7.50 -35.01
C ALA A 222 2.48 7.66 -33.56
N PHE A 223 2.62 6.55 -32.84
CA PHE A 223 3.11 6.59 -31.47
C PHE A 223 4.50 7.23 -31.44
N GLU A 224 5.37 6.80 -32.35
CA GLU A 224 6.71 7.35 -32.43
C GLU A 224 6.72 8.85 -32.72
N ALA A 225 5.87 9.28 -33.66
CA ALA A 225 5.80 10.70 -34.01
C ALA A 225 5.34 11.53 -32.81
N GLN A 226 4.36 11.00 -32.08
CA GLN A 226 3.85 11.72 -30.91
C GLN A 226 4.91 11.77 -29.82
N LEU A 227 5.57 10.65 -29.56
CA LEU A 227 6.63 10.62 -28.56
C LEU A 227 7.77 11.55 -28.94
N ALA A 228 8.16 11.55 -30.21
CA ALA A 228 9.26 12.41 -30.67
C ALA A 228 8.96 13.88 -30.36
N GLN A 229 7.72 14.28 -30.56
CA GLN A 229 7.30 15.66 -30.29
CA GLN A 229 7.32 15.67 -30.30
C GLN A 229 7.47 16.05 -28.82
N HIS A 230 7.29 15.07 -27.94
CA HIS A 230 7.32 15.33 -26.50
C HIS A 230 8.56 14.80 -25.80
N ALA A 231 9.48 14.22 -26.54
CA ALA A 231 10.59 13.46 -25.94
C ALA A 231 11.36 14.25 -24.87
N GLY A 232 11.60 15.53 -25.13
CA GLY A 232 12.32 16.36 -24.20
C GLY A 232 11.61 16.62 -22.88
N GLU A 233 10.32 16.31 -22.82
CA GLU A 233 9.60 16.46 -21.56
C GLU A 233 9.08 15.14 -20.99
N LEU A 234 9.45 14.02 -21.62
CA LEU A 234 8.99 12.71 -21.19
C LEU A 234 10.06 11.95 -20.41
N ALA A 235 9.72 11.59 -19.17
CA ALA A 235 10.56 10.71 -18.38
C ALA A 235 10.42 9.25 -18.83
N ALA A 236 9.19 8.84 -19.14
CA ALA A 236 8.92 7.43 -19.38
C ALA A 236 7.63 7.21 -20.15
N VAL A 237 7.60 6.08 -20.86
CA VAL A 237 6.36 5.48 -21.34
C VAL A 237 6.00 4.41 -20.32
N VAL A 238 4.74 4.37 -19.92
CA VAL A 238 4.27 3.36 -18.98
C VAL A 238 3.06 2.65 -19.58
N VAL A 239 3.12 1.33 -19.71
CA VAL A 239 2.02 0.57 -20.30
C VAL A 239 1.87 -0.76 -19.61
N GLU A 240 0.67 -1.33 -19.69
CA GLU A 240 0.43 -2.74 -19.39
C GLU A 240 0.78 -3.53 -20.65
N PRO A 241 1.72 -4.49 -20.56
CA PRO A 241 2.09 -5.27 -21.75
C PRO A 241 1.11 -6.39 -22.09
N VAL A 242 0.71 -6.42 -23.36
CA VAL A 242 -0.15 -7.45 -23.97
C VAL A 242 -1.62 -7.43 -23.54
N VAL A 243 -1.87 -7.33 -22.25
CA VAL A 243 -3.24 -7.29 -21.75
C VAL A 243 -3.44 -6.04 -20.89
N GLN A 244 -4.46 -5.26 -21.25
CA GLN A 244 -4.91 -4.16 -20.41
C GLN A 244 -6.10 -4.69 -19.61
N GLY A 245 -5.95 -4.79 -18.29
CA GLY A 245 -6.95 -5.45 -17.45
C GLY A 245 -8.13 -4.59 -17.05
N ALA A 246 -7.94 -3.79 -15.99
CA ALA A 246 -9.05 -3.06 -15.40
C ALA A 246 -9.66 -2.02 -16.33
N GLY A 247 -8.93 -1.63 -17.36
CA GLY A 247 -9.45 -0.67 -18.32
C GLY A 247 -10.31 -1.29 -19.41
N GLY A 248 -10.45 -2.61 -19.44
CA GLY A 248 -11.36 -3.22 -20.40
C GLY A 248 -11.00 -4.60 -20.92
N MET A 249 -10.07 -5.29 -20.27
CA MET A 249 -9.68 -6.63 -20.70
C MET A 249 -9.38 -6.69 -22.20
N ARG A 250 -8.59 -5.73 -22.67
CA ARG A 250 -8.23 -5.65 -24.07
C ARG A 250 -6.88 -6.31 -24.29
N PHE A 251 -6.74 -7.02 -25.39
CA PHE A 251 -5.48 -7.66 -25.76
C PHE A 251 -4.88 -6.92 -26.96
N HIS A 252 -3.56 -6.84 -27.00
CA HIS A 252 -2.88 -6.29 -28.17
C HIS A 252 -1.70 -7.14 -28.57
N ASP A 253 -1.33 -7.05 -29.84
CA ASP A 253 -0.24 -7.85 -30.38
C ASP A 253 1.08 -7.52 -29.68
N PRO A 254 1.81 -8.56 -29.25
CA PRO A 254 3.09 -8.34 -28.57
C PRO A 254 4.12 -7.56 -29.41
N ARG A 255 3.97 -7.54 -30.73
CA ARG A 255 4.91 -6.79 -31.56
CA ARG A 255 4.91 -6.79 -31.56
C ARG A 255 4.92 -5.30 -31.20
N TYR A 256 3.80 -4.80 -30.69
CA TYR A 256 3.75 -3.40 -30.25
C TYR A 256 4.79 -3.12 -29.18
N LEU A 257 5.06 -4.11 -28.33
CA LEU A 257 6.02 -3.94 -27.25
C LEU A 257 7.44 -3.85 -27.79
N HIS A 258 7.70 -4.60 -28.86
CA HIS A 258 8.98 -4.52 -29.56
C HIS A 258 9.17 -3.12 -30.10
N ASP A 259 8.12 -2.57 -30.70
CA ASP A 259 8.16 -1.21 -31.21
C ASP A 259 8.39 -0.17 -30.09
N LEU A 260 7.66 -0.28 -28.99
CA LEU A 260 7.84 0.63 -27.87
C LEU A 260 9.28 0.61 -27.37
N ARG A 261 9.85 -0.58 -27.23
CA ARG A 261 11.22 -0.72 -26.78
C ARG A 261 12.19 0.02 -27.70
N ASP A 262 11.98 -0.13 -29.00
CA ASP A 262 12.80 0.51 -30.03
C ASP A 262 12.65 2.03 -30.00
N ILE A 263 11.41 2.50 -29.96
CA ILE A 263 11.14 3.93 -29.92
C ILE A 263 11.75 4.57 -28.68
N CYS A 264 11.54 3.94 -27.54
CA CYS A 264 12.05 4.45 -26.27
C CYS A 264 13.57 4.49 -26.24
N ARG A 265 14.20 3.46 -26.79
CA ARG A 265 15.66 3.43 -26.85
C ARG A 265 16.18 4.57 -27.71
N ARG A 266 15.58 4.75 -28.89
CA ARG A 266 16.09 5.75 -29.83
C ARG A 266 15.88 7.18 -29.35
N TYR A 267 14.82 7.44 -28.59
CA TYR A 267 14.51 8.81 -28.15
C TYR A 267 14.85 9.07 -26.69
N GLU A 268 15.52 8.10 -26.07
CA GLU A 268 15.93 8.20 -24.67
C GLU A 268 14.76 8.55 -23.76
N VAL A 269 13.73 7.71 -23.84
CA VAL A 269 12.63 7.76 -22.90
C VAL A 269 12.61 6.39 -22.22
N LEU A 270 12.50 6.37 -20.89
CA LEU A 270 12.48 5.10 -20.19
C LEU A 270 11.21 4.33 -20.50
N LEU A 271 11.29 3.00 -20.50
CA LEU A 271 10.13 2.15 -20.73
C LEU A 271 9.76 1.45 -19.44
N ILE A 272 8.53 1.65 -18.98
CA ILE A 272 8.04 1.00 -17.78
C ILE A 272 6.89 0.05 -18.13
N PHE A 273 7.03 -1.22 -17.72
CA PHE A 273 5.94 -2.17 -17.88
C PHE A 273 5.28 -2.41 -16.53
N ASP A 274 3.97 -2.18 -16.48
CA ASP A 274 3.17 -2.49 -15.32
C ASP A 274 2.63 -3.91 -15.52
N GLU A 275 3.27 -4.88 -14.86
CA GLU A 275 2.88 -6.29 -14.95
C GLU A 275 2.16 -6.77 -13.70
N ILE A 276 1.53 -5.84 -13.00
CA ILE A 276 0.83 -6.20 -11.76
C ILE A 276 -0.31 -7.19 -12.03
N ALA A 277 -0.97 -7.08 -13.18
CA ALA A 277 -2.02 -8.04 -13.54
C ALA A 277 -1.51 -9.19 -14.41
N THR A 278 -0.50 -8.94 -15.22
CA THR A 278 -0.05 -9.90 -16.23
C THR A 278 0.98 -10.88 -15.72
N GLY A 279 1.60 -10.60 -14.57
CA GLY A 279 2.72 -11.38 -14.12
C GLY A 279 2.43 -12.81 -13.70
N PHE A 280 3.49 -13.58 -13.54
CA PHE A 280 3.42 -14.92 -12.95
C PHE A 280 2.53 -15.88 -13.74
N GLY A 281 2.67 -15.85 -15.06
CA GLY A 281 2.09 -16.87 -15.93
C GLY A 281 0.71 -16.55 -16.48
N ARG A 282 0.09 -15.46 -16.04
CA ARG A 282 -1.33 -15.24 -16.33
C ARG A 282 -1.68 -15.19 -17.83
N THR A 283 -0.80 -14.62 -18.65
CA THR A 283 -1.05 -14.51 -20.09
C THR A 283 -0.42 -15.65 -20.89
N GLY A 284 0.11 -16.66 -20.23
CA GLY A 284 0.69 -17.79 -20.94
C GLY A 284 2.21 -17.76 -21.04
N ALA A 285 2.80 -16.62 -20.69
CA ALA A 285 4.25 -16.52 -20.55
C ALA A 285 4.48 -16.13 -19.11
N LEU A 286 5.69 -16.31 -18.61
CA LEU A 286 5.95 -16.01 -17.20
C LEU A 286 5.63 -14.54 -16.91
N PHE A 287 6.10 -13.66 -17.78
CA PHE A 287 5.70 -12.26 -17.77
C PHE A 287 5.28 -11.90 -19.17
N ALA A 288 4.31 -11.00 -19.30
CA ALA A 288 3.78 -10.71 -20.63
C ALA A 288 4.84 -10.11 -21.56
N ALA A 289 5.82 -9.41 -20.98
CA ALA A 289 6.96 -8.89 -21.76
C ALA A 289 7.63 -10.01 -22.56
N ASP A 290 7.60 -11.23 -22.02
CA ASP A 290 8.27 -12.36 -22.66
C ASP A 290 7.64 -12.74 -24.01
N HIS A 291 6.38 -12.38 -24.23
CA HIS A 291 5.76 -12.63 -25.54
C HIS A 291 6.45 -11.85 -26.65
N ALA A 292 7.18 -10.80 -26.27
CA ALA A 292 7.89 -9.98 -27.24
C ALA A 292 9.41 -10.05 -27.07
N GLY A 293 9.87 -10.77 -26.06
CA GLY A 293 11.30 -10.82 -25.73
C GLY A 293 11.87 -9.47 -25.30
N VAL A 294 11.02 -8.59 -24.79
CA VAL A 294 11.42 -7.22 -24.45
C VAL A 294 11.73 -7.07 -22.97
N SER A 295 12.76 -6.28 -22.65
CA SER A 295 13.04 -5.86 -21.28
C SER A 295 12.73 -4.38 -21.13
N PRO A 296 11.86 -4.03 -20.17
CA PRO A 296 11.66 -2.61 -19.86
C PRO A 296 12.82 -2.13 -19.00
N ASP A 297 12.93 -0.83 -18.80
CA ASP A 297 13.89 -0.26 -17.87
C ASP A 297 13.43 -0.43 -16.42
N ILE A 298 12.11 -0.40 -16.22
CA ILE A 298 11.52 -0.51 -14.90
C ILE A 298 10.28 -1.38 -15.04
N MET A 299 9.98 -2.17 -14.03
CA MET A 299 8.85 -3.10 -14.08
C MET A 299 8.17 -3.19 -12.73
N CYS A 300 6.84 -3.24 -12.74
CA CYS A 300 6.08 -3.38 -11.51
C CYS A 300 5.41 -4.74 -11.48
N VAL A 301 5.44 -5.39 -10.32
CA VAL A 301 4.73 -6.65 -10.12
C VAL A 301 3.96 -6.59 -8.79
N GLY A 302 2.95 -7.44 -8.66
CA GLY A 302 2.12 -7.45 -7.47
C GLY A 302 1.09 -8.53 -7.65
N LYS A 303 -0.09 -8.33 -7.06
CA LYS A 303 -1.22 -9.27 -7.15
C LYS A 303 -0.81 -10.73 -6.94
N ALA A 304 -0.61 -11.48 -8.03
CA ALA A 304 -0.28 -12.91 -7.92
C ALA A 304 1.09 -13.17 -7.28
N LEU A 305 1.90 -12.13 -7.09
CA LEU A 305 3.19 -12.24 -6.42
C LEU A 305 3.13 -13.05 -5.13
N THR A 306 2.10 -12.83 -4.32
CA THR A 306 2.01 -13.53 -3.03
C THR A 306 1.08 -14.72 -3.05
N GLY A 307 0.62 -15.12 -4.24
CA GLY A 307 -0.36 -16.19 -4.33
C GLY A 307 -1.68 -15.82 -3.68
N GLY A 308 -1.90 -14.53 -3.47
CA GLY A 308 -3.17 -14.08 -2.94
C GLY A 308 -3.31 -14.12 -1.43
N TYR A 309 -2.20 -14.30 -0.71
CA TYR A 309 -2.27 -14.40 0.74
C TYR A 309 -2.20 -13.05 1.44
N LEU A 310 -1.27 -12.20 0.98
CA LEU A 310 -0.93 -10.98 1.69
C LEU A 310 -0.62 -9.91 0.66
N SER A 311 -0.75 -8.66 1.06
CA SER A 311 -0.40 -7.56 0.17
CA SER A 311 -0.41 -7.56 0.16
C SER A 311 1.11 -7.44 0.04
N LEU A 312 1.59 -7.38 -1.19
CA LEU A 312 3.00 -7.13 -1.49
C LEU A 312 3.10 -6.70 -2.94
N ALA A 313 4.09 -5.89 -3.24
CA ALA A 313 4.39 -5.51 -4.62
C ALA A 313 5.88 -5.26 -4.72
N ALA A 314 6.38 -5.14 -5.95
CA ALA A 314 7.79 -4.83 -6.14
C ALA A 314 7.96 -4.01 -7.41
N THR A 315 8.95 -3.13 -7.37
CA THR A 315 9.36 -2.38 -8.55
C THR A 315 10.81 -2.75 -8.84
N LEU A 316 11.05 -3.27 -10.03
CA LEU A 316 12.40 -3.66 -10.44
C LEU A 316 12.94 -2.63 -11.43
N CYS A 317 14.24 -2.42 -11.42
CA CYS A 317 14.84 -1.57 -12.43
C CYS A 317 16.23 -2.07 -12.77
N THR A 318 16.81 -1.54 -13.84
CA THR A 318 18.14 -1.93 -14.26
C THR A 318 19.19 -1.29 -13.36
N ALA A 319 20.39 -1.82 -13.39
CA ALA A 319 21.49 -1.29 -12.61
C ALA A 319 21.75 0.17 -13.01
N ASP A 320 21.67 0.44 -14.30
CA ASP A 320 21.94 1.79 -14.79
C ASP A 320 20.92 2.78 -14.26
N VAL A 321 19.66 2.39 -14.27
CA VAL A 321 18.62 3.26 -13.71
C VAL A 321 18.88 3.51 -12.22
N ALA A 322 19.16 2.43 -11.49
CA ALA A 322 19.39 2.52 -10.05
C ALA A 322 20.55 3.47 -9.72
N HIS A 323 21.65 3.34 -10.45
CA HIS A 323 22.84 4.14 -10.21
C HIS A 323 22.58 5.61 -10.53
N THR A 324 21.90 5.84 -11.66
CA THR A 324 21.70 7.19 -12.16
C THR A 324 20.71 7.99 -11.30
N ILE A 325 19.80 7.28 -10.65
CA ILE A 325 18.83 7.91 -9.75
C ILE A 325 19.49 8.72 -8.64
N SER A 326 20.69 8.33 -8.24
CA SER A 326 21.44 9.04 -7.21
CA SER A 326 21.43 9.07 -7.22
C SER A 326 22.68 9.75 -7.76
N ALA A 327 22.73 9.93 -9.08
CA ALA A 327 23.83 10.65 -9.71
C ALA A 327 23.58 12.16 -9.60
N GLY A 328 24.57 12.95 -9.97
CA GLY A 328 24.47 14.39 -9.87
C GLY A 328 24.09 14.82 -8.47
N ALA A 329 23.11 15.69 -8.35
CA ALA A 329 22.66 16.16 -7.04
C ALA A 329 21.32 15.54 -6.64
N ALA A 330 20.96 14.45 -7.28
CA ALA A 330 19.63 13.85 -7.09
C ALA A 330 19.44 13.19 -5.72
N GLY A 331 20.52 12.66 -5.15
CA GLY A 331 20.49 12.06 -3.83
C GLY A 331 19.72 10.75 -3.76
N ALA A 332 19.40 10.34 -2.53
CA ALA A 332 18.73 9.07 -2.26
C ALA A 332 17.34 9.02 -2.86
N LEU A 333 16.86 7.81 -3.13
CA LEU A 333 15.45 7.60 -3.51
C LEU A 333 14.62 7.68 -2.24
N MET A 334 13.86 8.76 -2.09
CA MET A 334 13.14 9.00 -0.83
C MET A 334 11.79 8.30 -0.82
N HIS A 335 11.86 6.99 -0.65
CA HIS A 335 10.67 6.17 -0.50
C HIS A 335 11.05 5.04 0.43
N GLY A 336 10.11 4.65 1.29
CA GLY A 336 10.38 3.59 2.24
C GLY A 336 9.15 3.19 3.02
N PRO A 337 8.32 2.30 2.44
CA PRO A 337 7.11 1.88 3.15
C PRO A 337 7.41 1.26 4.51
N THR A 338 6.61 1.57 5.52
CA THR A 338 6.85 1.02 6.86
C THR A 338 7.05 -0.48 6.85
N PHE A 339 6.21 -1.19 6.12
CA PHE A 339 6.27 -2.65 6.09
C PHE A 339 7.06 -3.18 4.89
N MET A 340 7.92 -2.32 4.33
CA MET A 340 8.79 -2.71 3.23
C MET A 340 9.47 -4.06 3.46
N ALA A 341 9.37 -4.94 2.47
CA ALA A 341 9.99 -6.26 2.50
C ALA A 341 9.56 -7.10 3.70
N ASN A 342 8.31 -6.94 4.11
CA ASN A 342 7.75 -7.69 5.23
C ASN A 342 8.09 -9.18 5.13
N PRO A 343 8.78 -9.73 6.15
CA PRO A 343 9.17 -11.15 6.13
C PRO A 343 8.01 -12.11 5.85
N LEU A 344 6.84 -11.88 6.46
CA LEU A 344 5.72 -12.79 6.23
C LEU A 344 5.29 -12.78 4.77
N ALA A 345 5.06 -11.59 4.23
CA ALA A 345 4.65 -11.50 2.83
C ALA A 345 5.74 -12.02 1.87
N CYS A 346 7.00 -11.71 2.15
CA CYS A 346 8.07 -12.22 1.30
C CYS A 346 8.16 -13.73 1.35
N ALA A 347 8.02 -14.31 2.55
CA ALA A 347 8.16 -15.76 2.70
C ALA A 347 7.07 -16.51 1.92
N VAL A 348 5.83 -16.02 1.98
CA VAL A 348 4.76 -16.69 1.25
CA VAL A 348 4.74 -16.65 1.24
C VAL A 348 4.93 -16.48 -0.26
N SER A 349 5.42 -15.31 -0.65
CA SER A 349 5.70 -15.04 -2.06
CA SER A 349 5.70 -15.03 -2.05
C SER A 349 6.79 -15.95 -2.62
N VAL A 350 7.85 -16.15 -1.84
CA VAL A 350 8.91 -17.08 -2.24
C VAL A 350 8.32 -18.45 -2.53
N ALA A 351 7.49 -18.94 -1.61
CA ALA A 351 6.86 -20.24 -1.77
C ALA A 351 5.95 -20.27 -3.00
N SER A 352 5.21 -19.18 -3.22
CA SER A 352 4.30 -19.10 -4.36
C SER A 352 5.06 -19.13 -5.68
N VAL A 353 6.14 -18.37 -5.76
CA VAL A 353 6.93 -18.31 -6.97
C VAL A 353 7.61 -19.66 -7.21
N GLU A 354 8.18 -20.25 -6.17
CA GLU A 354 8.83 -21.54 -6.30
C GLU A 354 7.85 -22.65 -6.72
N LEU A 355 6.63 -22.58 -6.21
CA LEU A 355 5.61 -23.55 -6.56
C LEU A 355 5.24 -23.40 -8.04
N LEU A 356 5.18 -22.17 -8.52
CA LEU A 356 4.91 -21.93 -9.93
C LEU A 356 6.04 -22.48 -10.81
N LEU A 357 7.28 -22.15 -10.44
CA LEU A 357 8.43 -22.52 -11.26
C LEU A 357 8.73 -24.01 -11.21
N GLY A 358 8.29 -24.68 -10.14
CA GLY A 358 8.61 -26.09 -9.94
C GLY A 358 7.69 -27.04 -10.68
N GLN A 359 6.71 -26.50 -11.40
CA GLN A 359 5.80 -27.32 -12.19
C GLN A 359 5.85 -26.87 -13.64
N ASP A 360 5.25 -27.65 -14.53
CA ASP A 360 5.17 -27.25 -15.92
C ASP A 360 4.04 -26.24 -16.08
N TRP A 361 4.29 -25.01 -15.63
CA TRP A 361 3.26 -23.98 -15.65
C TRP A 361 2.84 -23.62 -17.07
N ARG A 362 3.74 -23.74 -18.03
CA ARG A 362 3.41 -23.32 -19.38
C ARG A 362 2.34 -24.23 -19.97
N THR A 363 2.50 -25.53 -19.77
CA THR A 363 1.50 -26.50 -20.22
C THR A 363 0.18 -26.31 -19.46
N ARG A 364 0.28 -26.04 -18.16
CA ARG A 364 -0.91 -25.79 -17.35
C ARG A 364 -1.74 -24.62 -17.89
N ILE A 365 -1.07 -23.51 -18.19
CA ILE A 365 -1.78 -22.35 -18.70
C ILE A 365 -2.32 -22.59 -20.10
N THR A 366 -1.57 -23.32 -20.92
CA THR A 366 -2.04 -23.66 -22.25
C THR A 366 -3.34 -24.48 -22.17
N GLU A 367 -3.39 -25.44 -21.25
CA GLU A 367 -4.59 -26.25 -21.04
C GLU A 367 -5.76 -25.40 -20.54
N LEU A 368 -5.47 -24.46 -19.64
CA LEU A 368 -6.49 -23.55 -19.12
CA LEU A 368 -6.49 -23.56 -19.12
C LEU A 368 -7.06 -22.69 -20.23
N ALA A 369 -6.18 -22.12 -21.05
CA ALA A 369 -6.61 -21.30 -22.18
C ALA A 369 -7.50 -22.11 -23.13
N ALA A 370 -7.12 -23.36 -23.40
CA ALA A 370 -7.89 -24.20 -24.31
C ALA A 370 -9.27 -24.49 -23.72
N GLY A 371 -9.32 -24.68 -22.40
CA GLY A 371 -10.59 -24.92 -21.73
C GLY A 371 -11.49 -23.70 -21.76
N LEU A 372 -10.90 -22.52 -21.55
CA LEU A 372 -11.65 -21.28 -21.60
C LEU A 372 -12.18 -21.05 -23.01
N THR A 373 -11.34 -21.27 -24.01
CA THR A 373 -11.75 -21.10 -25.40
C THR A 373 -12.91 -22.02 -25.76
N ALA A 374 -12.79 -23.29 -25.40
CA ALA A 374 -13.81 -24.28 -25.75
C ALA A 374 -15.10 -23.96 -25.03
N GLY A 375 -14.99 -23.59 -23.76
CA GLY A 375 -16.15 -23.37 -22.92
C GLY A 375 -16.89 -22.09 -23.25
N LEU A 376 -16.20 -21.10 -23.80
CA LEU A 376 -16.82 -19.81 -24.06
C LEU A 376 -17.34 -19.68 -25.48
N ASP A 377 -17.07 -20.69 -26.32
CA ASP A 377 -17.39 -20.59 -27.74
C ASP A 377 -18.88 -20.31 -28.03
N THR A 378 -19.78 -20.95 -27.30
CA THR A 378 -21.21 -20.75 -27.57
C THR A 378 -21.69 -19.35 -27.25
N ALA A 379 -20.92 -18.60 -26.47
CA ALA A 379 -21.31 -17.24 -26.11
C ALA A 379 -21.28 -16.34 -27.34
N ARG A 380 -20.45 -16.68 -28.32
CA ARG A 380 -20.29 -15.83 -29.50
CA ARG A 380 -20.30 -15.84 -29.50
C ARG A 380 -21.62 -15.60 -30.22
N ALA A 381 -22.48 -16.60 -30.19
CA ALA A 381 -23.76 -16.55 -30.91
C ALA A 381 -24.89 -15.88 -30.12
N LEU A 382 -24.63 -15.53 -28.86
CA LEU A 382 -25.66 -14.91 -28.03
C LEU A 382 -25.93 -13.48 -28.49
N PRO A 383 -27.18 -13.04 -28.40
CA PRO A 383 -27.56 -11.74 -28.97
C PRO A 383 -26.90 -10.53 -28.30
N ALA A 384 -26.55 -10.62 -27.03
CA ALA A 384 -25.95 -9.46 -26.35
C ALA A 384 -24.45 -9.55 -26.27
N VAL A 385 -23.85 -10.50 -26.98
CA VAL A 385 -22.41 -10.66 -26.92
C VAL A 385 -21.75 -10.04 -28.15
N THR A 386 -20.77 -9.17 -27.90
CA THR A 386 -20.03 -8.45 -28.93
CA THR A 386 -20.06 -8.51 -28.99
C THR A 386 -18.71 -9.15 -29.28
N ASP A 387 -18.09 -9.77 -28.30
CA ASP A 387 -16.82 -10.44 -28.53
C ASP A 387 -16.56 -11.49 -27.46
N VAL A 388 -15.84 -12.53 -27.84
CA VAL A 388 -15.32 -13.51 -26.89
C VAL A 388 -13.83 -13.64 -27.18
N ARG A 389 -13.01 -13.51 -26.14
CA ARG A 389 -11.57 -13.57 -26.35
C ARG A 389 -10.86 -14.20 -25.15
N VAL A 390 -9.78 -14.92 -25.43
CA VAL A 390 -9.02 -15.62 -24.40
C VAL A 390 -7.54 -15.35 -24.60
N CYS A 391 -6.84 -15.09 -23.51
CA CYS A 391 -5.39 -14.95 -23.55
C CYS A 391 -4.83 -15.63 -22.30
N GLY A 392 -4.17 -16.77 -22.49
CA GLY A 392 -3.69 -17.54 -21.35
C GLY A 392 -4.85 -17.86 -20.43
N ALA A 393 -4.68 -17.64 -19.14
CA ALA A 393 -5.72 -17.95 -18.17
C ALA A 393 -6.63 -16.74 -17.93
N ILE A 394 -7.03 -16.10 -19.01
CA ILE A 394 -7.96 -14.97 -18.99
C ILE A 394 -9.02 -15.24 -20.05
N GLY A 395 -10.28 -15.27 -19.64
CA GLY A 395 -11.36 -15.51 -20.57
C GLY A 395 -12.39 -14.41 -20.47
N VAL A 396 -12.79 -13.85 -21.60
CA VAL A 396 -13.61 -12.63 -21.60
C VAL A 396 -14.80 -12.74 -22.54
N ILE A 397 -15.99 -12.45 -22.01
CA ILE A 397 -17.15 -12.21 -22.85
C ILE A 397 -17.46 -10.72 -22.77
N GLU A 398 -17.33 -10.02 -23.90
CA GLU A 398 -17.67 -8.61 -23.97
C GLU A 398 -19.10 -8.47 -24.45
N CYS A 399 -19.92 -7.72 -23.69
CA CYS A 399 -21.34 -7.60 -23.98
C CYS A 399 -21.70 -6.25 -24.58
N ASP A 400 -22.93 -6.16 -25.08
CA ASP A 400 -23.39 -4.95 -25.78
C ASP A 400 -23.99 -3.89 -24.85
N ARG A 401 -23.89 -4.12 -23.55
CA ARG A 401 -24.41 -3.18 -22.55
C ARG A 401 -23.69 -3.48 -21.24
N PRO A 402 -23.69 -2.52 -20.31
CA PRO A 402 -23.13 -2.81 -18.99
C PRO A 402 -23.85 -3.99 -18.35
N VAL A 403 -23.08 -4.83 -17.67
CA VAL A 403 -23.63 -6.01 -17.01
C VAL A 403 -24.23 -5.60 -15.68
N ASP A 404 -25.50 -5.94 -15.47
CA ASP A 404 -26.19 -5.63 -14.23
C ASP A 404 -25.83 -6.66 -13.16
N LEU A 405 -25.11 -6.25 -12.13
CA LEU A 405 -24.68 -7.17 -11.08
C LEU A 405 -25.85 -7.81 -10.34
N ALA A 406 -26.99 -7.14 -10.28
CA ALA A 406 -28.15 -7.66 -9.56
C ALA A 406 -28.71 -8.88 -10.28
N VAL A 407 -28.46 -8.96 -11.59
CA VAL A 407 -28.88 -10.10 -12.39
C VAL A 407 -27.75 -11.12 -12.48
N ALA A 408 -26.54 -10.64 -12.76
CA ALA A 408 -25.39 -11.53 -12.94
C ALA A 408 -25.01 -12.34 -11.70
N THR A 409 -25.01 -11.69 -10.54
CA THR A 409 -24.53 -12.33 -9.31
C THR A 409 -25.36 -13.56 -8.90
N PRO A 410 -26.71 -13.43 -8.80
CA PRO A 410 -27.49 -14.63 -8.47
C PRO A 410 -27.34 -15.72 -9.53
N ALA A 411 -27.23 -15.35 -10.79
CA ALA A 411 -27.15 -16.34 -11.86
C ALA A 411 -25.87 -17.15 -11.73
N ALA A 412 -24.78 -16.47 -11.37
CA ALA A 412 -23.49 -17.14 -11.21
C ALA A 412 -23.51 -18.01 -9.95
N LEU A 413 -23.97 -17.44 -8.85
CA LEU A 413 -24.04 -18.19 -7.59
C LEU A 413 -24.95 -19.41 -7.71
N ASP A 414 -26.05 -19.29 -8.46
CA ASP A 414 -26.96 -20.41 -8.67
C ASP A 414 -26.25 -21.57 -9.35
N ARG A 415 -25.16 -21.26 -10.05
CA ARG A 415 -24.40 -22.26 -10.78
C ARG A 415 -23.08 -22.60 -10.11
N GLY A 416 -22.93 -22.18 -8.86
CA GLY A 416 -21.77 -22.52 -8.06
C GLY A 416 -20.49 -21.83 -8.48
N VAL A 417 -20.61 -20.60 -8.99
CA VAL A 417 -19.45 -19.85 -9.43
C VAL A 417 -19.50 -18.42 -8.93
N TRP A 418 -18.38 -17.95 -8.38
CA TRP A 418 -18.23 -16.55 -8.03
C TRP A 418 -17.65 -15.80 -9.22
N LEU A 419 -18.46 -14.93 -9.82
CA LEU A 419 -18.01 -14.03 -10.88
C LEU A 419 -18.23 -12.61 -10.42
N ARG A 420 -17.33 -11.70 -10.83
CA ARG A 420 -17.52 -10.29 -10.58
C ARG A 420 -17.33 -9.52 -11.89
N PRO A 421 -18.42 -9.36 -12.65
CA PRO A 421 -18.36 -8.55 -13.86
C PRO A 421 -18.04 -7.11 -13.52
N PHE A 422 -17.52 -6.37 -14.50
CA PHE A 422 -17.45 -4.92 -14.41
C PHE A 422 -17.69 -4.37 -15.79
N ARG A 423 -18.17 -3.13 -15.85
CA ARG A 423 -18.58 -2.52 -17.12
CA ARG A 423 -18.56 -2.53 -17.13
C ARG A 423 -19.42 -3.52 -17.92
N ASN A 424 -19.07 -3.73 -19.18
CA ASN A 424 -19.80 -4.68 -20.02
C ASN A 424 -19.08 -6.02 -20.17
N LEU A 425 -18.31 -6.40 -19.17
CA LEU A 425 -17.46 -7.59 -19.28
C LEU A 425 -17.85 -8.69 -18.29
N VAL A 426 -18.10 -9.89 -18.82
CA VAL A 426 -18.22 -11.07 -17.99
C VAL A 426 -16.92 -11.83 -18.24
N TYR A 427 -16.09 -11.98 -17.22
CA TYR A 427 -14.76 -12.52 -17.45
C TYR A 427 -14.29 -13.38 -16.28
N ALA A 428 -13.28 -14.19 -16.52
CA ALA A 428 -12.70 -15.02 -15.48
C ALA A 428 -11.18 -14.99 -15.58
N MET A 429 -10.54 -15.02 -14.41
CA MET A 429 -9.11 -15.21 -14.34
C MET A 429 -8.91 -16.26 -13.24
N PRO A 430 -9.14 -17.53 -13.59
CA PRO A 430 -9.26 -18.59 -12.58
C PRO A 430 -7.93 -19.07 -12.02
N PRO A 431 -7.96 -19.69 -10.83
CA PRO A 431 -6.73 -20.27 -10.28
C PRO A 431 -6.14 -21.31 -11.23
N TYR A 432 -4.81 -21.42 -11.25
CA TYR A 432 -4.14 -22.34 -12.15
C TYR A 432 -4.43 -23.81 -11.79
N ILE A 433 -4.88 -24.03 -10.56
CA ILE A 433 -5.18 -25.39 -10.08
C ILE A 433 -6.57 -25.88 -10.50
N CYS A 434 -7.35 -25.05 -11.19
CA CYS A 434 -8.66 -25.51 -11.64
C CYS A 434 -8.55 -26.68 -12.61
N THR A 435 -9.33 -27.72 -12.34
CA THR A 435 -9.38 -28.88 -13.22
C THR A 435 -10.16 -28.52 -14.48
N PRO A 436 -10.03 -29.35 -15.54
CA PRO A 436 -10.85 -29.09 -16.74
C PRO A 436 -12.35 -29.03 -16.43
N ALA A 437 -12.85 -29.89 -15.55
CA ALA A 437 -14.26 -29.84 -15.18
C ALA A 437 -14.62 -28.53 -14.52
N GLU A 438 -13.74 -28.01 -13.67
CA GLU A 438 -13.99 -26.75 -12.99
C GLU A 438 -13.99 -25.57 -13.96
N ILE A 439 -13.09 -25.62 -14.94
CA ILE A 439 -13.05 -24.57 -15.96
C ILE A 439 -14.34 -24.59 -16.76
N THR A 440 -14.82 -25.77 -17.09
CA THR A 440 -16.07 -25.90 -17.80
C THR A 440 -17.26 -25.37 -16.99
N GLN A 441 -17.26 -25.64 -15.68
CA GLN A 441 -18.30 -25.12 -14.81
C GLN A 441 -18.27 -23.58 -14.82
N ILE A 442 -17.07 -23.02 -14.72
CA ILE A 442 -16.90 -21.57 -14.78
C ILE A 442 -17.40 -20.98 -16.10
N THR A 443 -16.95 -21.56 -17.21
CA THR A 443 -17.34 -21.03 -18.52
C THR A 443 -18.84 -21.17 -18.76
N SER A 444 -19.43 -22.26 -18.29
CA SER A 444 -20.86 -22.46 -18.45
CA SER A 444 -20.87 -22.46 -18.44
C SER A 444 -21.64 -21.38 -17.69
N ALA A 445 -21.16 -21.05 -16.49
CA ALA A 445 -21.79 -20.00 -15.69
C ALA A 445 -21.67 -18.66 -16.41
N MET A 446 -20.49 -18.41 -17.00
CA MET A 446 -20.27 -17.17 -17.75
C MET A 446 -21.22 -17.06 -18.93
N VAL A 447 -21.37 -18.15 -19.68
CA VAL A 447 -22.28 -18.18 -20.81
C VAL A 447 -23.71 -17.88 -20.36
N GLU A 448 -24.12 -18.46 -19.23
CA GLU A 448 -25.48 -18.24 -18.75
C GLU A 448 -25.69 -16.84 -18.23
N VAL A 449 -24.66 -16.24 -17.63
CA VAL A 449 -24.74 -14.85 -17.24
C VAL A 449 -24.90 -13.97 -18.49
N ALA A 450 -24.12 -14.27 -19.52
CA ALA A 450 -24.21 -13.54 -20.79
C ALA A 450 -25.59 -13.69 -21.44
N ARG A 451 -26.17 -14.89 -21.33
CA ARG A 451 -27.49 -15.14 -21.89
C ARG A 451 -28.52 -14.25 -21.20
N LEU A 452 -28.33 -13.99 -19.91
CA LEU A 452 -29.25 -13.17 -19.13
C LEU A 452 -29.05 -11.66 -19.36
N VAL A 453 -27.87 -11.28 -19.84
CA VAL A 453 -27.63 -9.88 -20.17
C VAL A 453 -28.56 -9.48 -21.30
N GLY A 454 -28.70 -10.37 -22.27
CA GLY A 454 -29.54 -10.15 -23.42
C GLY A 454 -30.73 -11.08 -23.50
N SER A 455 -31.10 -11.67 -22.37
CA SER A 455 -32.31 -12.50 -22.31
C SER A 455 -33.64 -11.76 -22.59
N LEU A 456 -33.97 -10.63 -21.94
CA LEU A 456 -33.31 -9.96 -20.81
C LEU A 456 -34.22 -9.08 -19.91
N PRO A 457 -35.55 -9.12 -20.07
CA PRO A 457 -36.25 -8.41 -19.00
C PRO A 457 -36.22 -9.15 -17.66
N GLY B 27 19.15 -16.16 0.87
CA GLY B 27 19.33 -17.25 1.80
C GLY B 27 20.56 -18.07 1.46
N LEU B 28 21.07 -18.81 2.44
CA LEU B 28 20.44 -18.97 3.74
C LEU B 28 21.34 -18.48 4.88
N THR B 29 22.65 -18.44 4.62
CA THR B 29 23.60 -17.97 5.62
C THR B 29 23.63 -16.45 5.62
N PRO B 30 24.02 -15.83 6.75
CA PRO B 30 24.09 -14.37 6.76
C PRO B 30 25.00 -13.80 5.67
N GLU B 31 26.11 -14.48 5.36
N GLU B 31 26.11 -14.48 5.38
CA GLU B 31 27.00 -13.99 4.30
CA GLU B 31 27.02 -14.06 4.31
C GLU B 31 26.35 -14.06 2.92
C GLU B 31 26.31 -14.04 2.96
N GLN B 32 25.55 -15.11 2.68
CA GLN B 32 24.79 -15.20 1.43
C GLN B 32 23.71 -14.14 1.35
N ILE B 33 23.05 -13.87 2.46
CA ILE B 33 22.04 -12.82 2.54
C ILE B 33 22.67 -11.47 2.21
N ILE B 34 23.83 -11.20 2.80
CA ILE B 34 24.54 -9.95 2.58
C ILE B 34 24.91 -9.78 1.12
N ALA B 35 25.36 -10.86 0.50
CA ALA B 35 25.76 -10.81 -0.91
C ALA B 35 24.56 -10.52 -1.82
N VAL B 36 23.47 -11.25 -1.63
CA VAL B 36 22.26 -11.00 -2.41
C VAL B 36 21.72 -9.59 -2.16
N ASP B 37 21.69 -9.18 -0.90
CA ASP B 37 21.20 -7.87 -0.52
C ASP B 37 21.98 -6.76 -1.22
N GLY B 38 23.30 -6.84 -1.14
CA GLY B 38 24.17 -5.85 -1.75
C GLY B 38 23.95 -5.75 -3.24
N ALA B 39 23.74 -6.88 -3.88
CA ALA B 39 23.56 -6.93 -5.33
C ALA B 39 22.17 -6.50 -5.82
N HIS B 40 21.13 -6.74 -5.02
CA HIS B 40 19.78 -6.67 -5.57
C HIS B 40 18.74 -5.87 -4.81
N LEU B 41 18.97 -5.55 -3.54
CA LEU B 41 17.92 -4.97 -2.71
C LEU B 41 18.08 -3.47 -2.46
N TRP B 42 17.05 -2.72 -2.85
CA TRP B 42 16.89 -1.29 -2.54
CA TRP B 42 17.02 -1.31 -2.52
C TRP B 42 16.42 -1.15 -1.12
N HIS B 43 17.10 -0.40 -0.28
CA HIS B 43 16.62 -0.15 1.07
C HIS B 43 15.96 1.24 1.15
N PRO B 44 15.15 1.49 2.20
CA PRO B 44 14.43 2.76 2.30
C PRO B 44 15.33 3.98 2.27
N TYR B 45 14.87 5.02 1.58
CA TYR B 45 15.46 6.35 1.70
C TYR B 45 16.95 6.36 1.44
N SER B 46 17.38 5.61 0.43
CA SER B 46 18.80 5.38 0.23
C SER B 46 19.24 5.48 -1.22
N SER B 47 20.55 5.60 -1.40
CA SER B 47 21.19 5.56 -2.71
C SER B 47 21.84 4.20 -2.84
N ILE B 48 21.19 3.30 -3.57
CA ILE B 48 21.67 1.93 -3.67
C ILE B 48 23.10 1.86 -4.23
N GLY B 49 23.96 1.13 -3.55
CA GLY B 49 25.35 1.03 -3.97
C GLY B 49 26.24 2.17 -3.48
N ARG B 50 25.67 3.13 -2.78
CA ARG B 50 26.42 4.30 -2.33
C ARG B 50 26.31 4.53 -0.82
N GLU B 51 25.75 3.57 -0.09
CA GLU B 51 25.54 3.75 1.34
C GLU B 51 26.73 3.28 2.15
N ALA B 52 27.20 4.13 3.06
CA ALA B 52 28.36 3.83 3.87
C ALA B 52 28.07 2.73 4.88
N VAL B 53 26.84 2.70 5.40
CA VAL B 53 26.50 1.74 6.43
C VAL B 53 25.62 0.62 5.87
N SER B 54 26.16 -0.59 5.81
CA SER B 54 25.45 -1.75 5.28
C SER B 54 24.32 -2.20 6.20
N PRO B 55 23.27 -2.80 5.61
CA PRO B 55 22.20 -3.38 6.45
C PRO B 55 22.76 -4.48 7.33
N VAL B 56 22.23 -4.56 8.55
CA VAL B 56 22.57 -5.63 9.48
C VAL B 56 21.59 -6.78 9.28
N VAL B 57 22.09 -8.01 9.22
CA VAL B 57 21.23 -9.16 9.01
C VAL B 57 20.44 -9.50 10.27
N ALA B 58 19.12 -9.56 10.13
CA ALA B 58 18.24 -10.02 11.21
C ALA B 58 17.84 -11.45 10.92
N VAL B 59 17.98 -12.33 11.92
CA VAL B 59 17.66 -13.74 11.74
C VAL B 59 16.49 -14.22 12.60
N ALA B 60 16.08 -13.43 13.57
CA ALA B 60 14.91 -13.78 14.39
C ALA B 60 14.42 -12.56 15.15
N ALA B 61 13.18 -12.64 15.64
CA ALA B 61 12.64 -11.62 16.53
C ALA B 61 11.65 -12.27 17.46
N HIS B 62 11.75 -11.95 18.74
CA HIS B 62 10.80 -12.49 19.71
C HIS B 62 10.66 -11.55 20.88
N GLY B 63 9.43 -11.26 21.27
CA GLY B 63 9.16 -10.28 22.30
C GLY B 63 9.76 -8.93 21.92
N ALA B 64 10.48 -8.32 22.85
CA ALA B 64 11.06 -7.00 22.61
C ALA B 64 12.41 -7.09 21.93
N TRP B 65 12.83 -8.29 21.55
CA TRP B 65 14.20 -8.52 21.12
C TRP B 65 14.31 -8.96 19.66
N LEU B 66 15.41 -8.54 19.03
CA LEU B 66 15.79 -9.00 17.70
C LEU B 66 17.07 -9.83 17.84
N THR B 67 17.27 -10.81 16.97
CA THR B 67 18.56 -11.48 16.89
C THR B 67 19.22 -11.02 15.61
N LEU B 68 20.33 -10.31 15.78
CA LEU B 68 21.06 -9.70 14.67
C LEU B 68 22.44 -10.31 14.56
N ILE B 69 23.00 -10.25 13.36
CA ILE B 69 24.34 -10.79 13.14
C ILE B 69 25.37 -9.69 13.25
N ARG B 70 26.30 -9.84 14.20
CA ARG B 70 27.42 -8.92 14.34
C ARG B 70 28.69 -9.74 14.25
N ASP B 71 29.50 -9.46 13.24
CA ASP B 71 30.74 -10.20 13.01
C ASP B 71 30.50 -11.71 12.90
N GLY B 72 29.43 -12.09 12.21
CA GLY B 72 29.12 -13.49 11.97
C GLY B 72 28.40 -14.17 13.12
N GLN B 73 28.22 -13.46 14.23
CA GLN B 73 27.62 -14.06 15.42
C GLN B 73 26.25 -13.50 15.75
N PRO B 74 25.32 -14.38 16.18
CA PRO B 74 23.97 -13.95 16.49
C PRO B 74 23.88 -13.36 17.89
N ILE B 75 23.49 -12.09 17.97
CA ILE B 75 23.32 -11.41 19.25
C ILE B 75 21.90 -10.92 19.43
N GLU B 76 21.39 -10.99 20.65
CA GLU B 76 20.05 -10.51 20.96
C GLU B 76 20.12 -9.05 21.40
N VAL B 77 19.35 -8.19 20.74
CA VAL B 77 19.33 -6.78 21.06
C VAL B 77 17.88 -6.30 21.15
N LEU B 78 17.65 -5.27 21.95
CA LEU B 78 16.31 -4.72 22.12
C LEU B 78 15.85 -3.94 20.90
N ASP B 79 14.63 -4.21 20.44
CA ASP B 79 14.03 -3.48 19.33
C ASP B 79 13.50 -2.15 19.86
N ALA B 80 14.41 -1.20 20.08
CA ALA B 80 14.04 0.08 20.69
C ALA B 80 13.14 0.92 19.78
N MET B 81 13.09 0.55 18.51
CA MET B 81 12.34 1.30 17.51
C MET B 81 10.95 0.72 17.28
N SER B 82 10.66 -0.41 17.94
CA SER B 82 9.47 -1.21 17.66
C SER B 82 9.31 -1.48 16.17
N SER B 83 10.42 -1.65 15.47
CA SER B 83 10.40 -1.89 14.02
C SER B 83 9.57 -0.81 13.32
N TRP B 84 10.07 0.43 13.39
CA TRP B 84 9.38 1.61 12.86
C TRP B 84 7.99 1.79 13.46
N TRP B 85 7.92 1.60 14.78
CA TRP B 85 6.81 2.09 15.60
C TRP B 85 5.57 1.23 15.45
N THR B 86 5.78 -0.05 15.15
CA THR B 86 4.66 -0.94 14.87
C THR B 86 4.49 -2.05 15.91
N ALA B 87 5.59 -2.54 16.47
CA ALA B 87 5.56 -3.75 17.28
C ALA B 87 5.24 -3.47 18.74
N ILE B 88 4.06 -2.90 18.98
CA ILE B 88 3.71 -2.45 20.32
C ILE B 88 3.60 -3.57 21.36
N HIS B 89 3.28 -4.78 20.92
CA HIS B 89 3.19 -5.93 21.84
C HIS B 89 4.39 -6.85 21.71
N GLY B 90 5.45 -6.36 21.04
CA GLY B 90 6.59 -7.21 20.73
C GLY B 90 6.34 -8.14 19.56
N HIS B 91 7.38 -8.87 19.18
CA HIS B 91 7.31 -9.83 18.07
C HIS B 91 6.90 -11.20 18.57
N GLY B 92 6.12 -11.92 17.78
CA GLY B 92 5.74 -13.27 18.13
C GLY B 92 4.97 -13.35 19.43
N HIS B 93 4.10 -12.38 19.67
CA HIS B 93 3.21 -12.46 20.82
C HIS B 93 2.24 -13.60 20.57
N PRO B 94 2.11 -14.52 21.55
CA PRO B 94 1.29 -15.72 21.32
C PRO B 94 -0.14 -15.44 20.88
N ALA B 95 -0.76 -14.39 21.41
CA ALA B 95 -2.14 -14.09 21.06
C ALA B 95 -2.26 -13.61 19.61
N LEU B 96 -1.29 -12.83 19.15
CA LEU B 96 -1.30 -12.31 17.80
CA LEU B 96 -1.34 -12.32 17.80
C LEU B 96 -0.95 -13.42 16.80
N ASP B 97 0.07 -14.21 17.14
CA ASP B 97 0.44 -15.37 16.34
C ASP B 97 -0.77 -16.29 16.16
N GLN B 98 -1.46 -16.55 17.27
CA GLN B 98 -2.60 -17.45 17.24
C GLN B 98 -3.73 -16.92 16.38
N ALA B 99 -3.98 -15.62 16.46
CA ALA B 99 -5.06 -15.03 15.68
C ALA B 99 -4.78 -15.21 14.20
N LEU B 100 -3.52 -15.03 13.81
CA LEU B 100 -3.12 -15.17 12.42
CA LEU B 100 -3.10 -15.18 12.43
C LEU B 100 -3.27 -16.63 11.96
N THR B 101 -2.76 -17.57 12.74
CA THR B 101 -2.80 -18.97 12.34
C THR B 101 -4.23 -19.52 12.32
N THR B 102 -5.07 -19.07 13.24
CA THR B 102 -6.47 -19.45 13.25
C THR B 102 -7.17 -19.00 11.95
N GLN B 103 -6.94 -17.75 11.56
CA GLN B 103 -7.55 -17.24 10.33
C GLN B 103 -7.00 -17.97 9.10
N LEU B 104 -5.70 -18.25 9.11
CA LEU B 104 -5.03 -18.92 7.99
C LEU B 104 -5.66 -20.29 7.69
N ARG B 105 -6.11 -20.98 8.72
CA ARG B 105 -6.69 -22.31 8.55
C ARG B 105 -8.10 -22.29 7.95
N VAL B 106 -8.76 -21.14 7.96
CA VAL B 106 -10.12 -21.07 7.46
CA VAL B 106 -10.13 -21.05 7.46
C VAL B 106 -10.25 -20.26 6.16
N MET B 107 -9.57 -19.11 6.08
CA MET B 107 -9.73 -18.25 4.92
C MET B 107 -8.62 -17.21 4.88
N ASN B 108 -7.68 -17.38 3.96
CA ASN B 108 -6.55 -16.46 3.86
C ASN B 108 -6.95 -15.08 3.35
N HIS B 109 -7.74 -15.06 2.28
CA HIS B 109 -8.08 -13.82 1.61
C HIS B 109 -9.17 -14.06 0.58
N VAL B 110 -10.09 -13.11 0.49
CA VAL B 110 -11.05 -13.05 -0.62
C VAL B 110 -11.14 -11.59 -1.04
N MET B 111 -11.58 -11.34 -2.27
CA MET B 111 -11.70 -9.96 -2.74
C MET B 111 -12.84 -9.23 -2.03
N PHE B 112 -12.60 -7.98 -1.66
CA PHE B 112 -13.57 -7.18 -0.94
C PHE B 112 -14.55 -6.51 -1.92
N GLY B 113 -14.33 -6.69 -3.21
CA GLY B 113 -15.27 -6.25 -4.23
C GLY B 113 -16.39 -7.28 -4.38
N GLY B 114 -17.43 -7.13 -3.57
CA GLY B 114 -18.59 -7.99 -3.66
C GLY B 114 -18.75 -8.96 -2.50
N LEU B 115 -17.69 -9.11 -1.70
CA LEU B 115 -17.70 -10.03 -0.57
C LEU B 115 -17.34 -9.29 0.70
N THR B 116 -17.81 -9.81 1.83
CA THR B 116 -17.38 -9.32 3.13
C THR B 116 -17.05 -10.50 4.02
N HIS B 117 -16.54 -10.23 5.23
CA HIS B 117 -16.12 -11.32 6.09
C HIS B 117 -15.98 -10.87 7.52
N GLU B 118 -15.83 -11.85 8.41
CA GLU B 118 -15.79 -11.61 9.85
C GLU B 118 -14.61 -10.75 10.33
N PRO B 119 -13.37 -11.02 9.87
CA PRO B 119 -12.29 -10.15 10.35
C PRO B 119 -12.48 -8.68 9.99
N ALA B 120 -12.96 -8.39 8.78
CA ALA B 120 -13.21 -7.00 8.41
C ALA B 120 -14.27 -6.38 9.33
N ALA B 121 -15.34 -7.11 9.59
CA ALA B 121 -16.43 -6.58 10.42
C ALA B 121 -15.98 -6.38 11.86
N ARG B 122 -15.27 -7.36 12.40
CA ARG B 122 -14.78 -7.25 13.78
C ARG B 122 -13.84 -6.06 13.94
N LEU B 123 -12.93 -5.87 12.98
CA LEU B 123 -11.97 -4.78 13.08
C LEU B 123 -12.68 -3.43 12.91
N ALA B 124 -13.61 -3.34 11.95
CA ALA B 124 -14.31 -2.09 11.72
C ALA B 124 -15.07 -1.68 12.98
N LYS B 125 -15.75 -2.64 13.60
CA LYS B 125 -16.52 -2.38 14.81
C LYS B 125 -15.63 -1.88 15.93
N LEU B 126 -14.47 -2.52 16.10
CA LEU B 126 -13.51 -2.08 17.10
C LEU B 126 -13.04 -0.65 16.83
N LEU B 127 -12.66 -0.38 15.59
CA LEU B 127 -12.12 0.93 15.25
C LEU B 127 -13.15 2.05 15.43
N VAL B 128 -14.39 1.83 15.01
CA VAL B 128 -15.40 2.88 15.18
C VAL B 128 -15.68 3.13 16.66
N ASP B 129 -15.56 2.08 17.47
CA ASP B 129 -15.86 2.21 18.89
C ASP B 129 -14.78 2.94 19.69
N ILE B 130 -13.52 2.75 19.31
CA ILE B 130 -12.42 3.27 20.11
C ILE B 130 -11.82 4.58 19.61
N THR B 131 -12.16 4.98 18.39
CA THR B 131 -11.65 6.23 17.83
C THR B 131 -12.46 7.41 18.37
N PRO B 132 -11.95 8.65 18.20
CA PRO B 132 -12.70 9.83 18.63
C PRO B 132 -14.14 9.82 18.11
N ALA B 133 -15.05 10.38 18.90
CA ALA B 133 -16.48 10.30 18.61
C ALA B 133 -16.84 10.78 17.23
N GLY B 134 -17.77 10.08 16.59
CA GLY B 134 -18.31 10.51 15.32
C GLY B 134 -17.75 9.82 14.10
N LEU B 135 -16.66 9.09 14.26
CA LEU B 135 -16.05 8.39 13.15
C LEU B 135 -16.68 7.01 13.04
N ASP B 136 -17.59 6.84 12.08
CA ASP B 136 -18.43 5.66 12.04
C ASP B 136 -18.30 4.84 10.75
N THR B 137 -17.39 5.24 9.88
CA THR B 137 -17.18 4.44 8.69
CA THR B 137 -17.19 4.58 8.59
C THR B 137 -15.71 4.27 8.40
N VAL B 138 -15.39 3.08 7.92
CA VAL B 138 -14.00 2.64 7.79
C VAL B 138 -13.69 2.18 6.37
N PHE B 139 -12.68 2.81 5.76
CA PHE B 139 -12.13 2.39 4.47
C PHE B 139 -10.76 1.78 4.70
N PHE B 140 -10.64 0.47 4.52
CA PHE B 140 -9.37 -0.22 4.74
C PHE B 140 -8.44 -0.08 3.54
N SER B 141 -7.15 0.05 3.81
CA SER B 141 -6.16 -0.03 2.75
C SER B 141 -4.91 -0.77 3.22
N ASP B 142 -3.91 -0.82 2.36
CA ASP B 142 -2.76 -1.69 2.55
C ASP B 142 -1.53 -0.97 3.05
N SER B 143 -1.57 0.35 3.16
CA SER B 143 -0.41 1.12 3.61
CA SER B 143 -0.44 1.09 3.71
C SER B 143 -0.81 2.49 4.13
N GLY B 144 0.03 3.04 5.00
CA GLY B 144 -0.26 4.32 5.58
C GLY B 144 -0.34 5.41 4.54
N SER B 145 0.62 5.42 3.60
CA SER B 145 0.61 6.43 2.55
C SER B 145 -0.68 6.38 1.74
N VAL B 146 -1.13 5.18 1.40
CA VAL B 146 -2.39 5.05 0.67
C VAL B 146 -3.55 5.59 1.50
N SER B 147 -3.55 5.32 2.80
CA SER B 147 -4.68 5.77 3.62
C SER B 147 -4.76 7.31 3.65
N VAL B 148 -3.60 7.96 3.55
CA VAL B 148 -3.56 9.42 3.46
C VAL B 148 -4.12 9.90 2.12
N GLU B 149 -3.75 9.22 1.03
CA GLU B 149 -4.31 9.55 -0.28
C GLU B 149 -5.82 9.33 -0.29
N VAL B 150 -6.30 8.27 0.36
CA VAL B 150 -7.73 8.05 0.47
C VAL B 150 -8.40 9.18 1.25
N ALA B 151 -7.77 9.61 2.36
CA ALA B 151 -8.31 10.71 3.15
C ALA B 151 -8.42 11.98 2.32
N ALA B 152 -7.39 12.27 1.53
CA ALA B 152 -7.43 13.43 0.65
C ALA B 152 -8.54 13.30 -0.40
N LYS B 153 -8.65 12.11 -0.99
CA LYS B 153 -9.67 11.87 -2.01
C LYS B 153 -11.05 12.07 -1.40
N MET B 154 -11.24 11.54 -0.20
CA MET B 154 -12.49 11.75 0.52
C MET B 154 -12.79 13.24 0.69
N ALA B 155 -11.79 14.00 1.13
CA ALA B 155 -12.00 15.41 1.39
C ALA B 155 -12.36 16.17 0.11
N LEU B 156 -11.64 15.90 -0.97
CA LEU B 156 -11.90 16.58 -2.24
C LEU B 156 -13.27 16.20 -2.77
N GLN B 157 -13.59 14.91 -2.70
CA GLN B 157 -14.86 14.43 -3.25
C GLN B 157 -16.04 14.92 -2.40
N TYR B 158 -15.82 15.09 -1.11
CA TYR B 158 -16.83 15.66 -0.23
C TYR B 158 -17.28 17.02 -0.73
N TRP B 159 -16.32 17.89 -1.03
CA TRP B 159 -16.68 19.23 -1.47
C TRP B 159 -17.27 19.24 -2.87
N ARG B 160 -16.88 18.28 -3.71
CA ARG B 160 -17.54 18.11 -4.99
C ARG B 160 -19.00 17.73 -4.78
N GLY B 161 -19.25 16.86 -3.79
CA GLY B 161 -20.62 16.51 -3.44
C GLY B 161 -21.42 17.65 -2.83
N ARG B 162 -20.74 18.66 -2.30
CA ARG B 162 -21.38 19.86 -1.77
C ARG B 162 -21.52 20.93 -2.86
N GLY B 163 -21.03 20.63 -4.07
CA GLY B 163 -21.11 21.58 -5.16
C GLY B 163 -20.08 22.70 -5.08
N LEU B 164 -18.96 22.41 -4.42
CA LEU B 164 -17.89 23.40 -4.26
C LEU B 164 -16.54 22.82 -4.71
N PRO B 165 -16.39 22.57 -6.02
CA PRO B 165 -15.18 21.90 -6.52
C PRO B 165 -13.93 22.78 -6.43
N GLY B 166 -14.11 24.05 -6.09
CA GLY B 166 -12.99 24.95 -5.88
C GLY B 166 -12.21 24.62 -4.62
N LYS B 167 -12.83 23.90 -3.69
CA LYS B 167 -12.17 23.53 -2.45
C LYS B 167 -11.35 22.27 -2.70
N ARG B 168 -10.13 22.47 -3.17
CA ARG B 168 -9.32 21.35 -3.63
C ARG B 168 -7.88 21.36 -3.12
N ARG B 169 -7.51 22.37 -2.34
CA ARG B 169 -6.17 22.42 -1.76
C ARG B 169 -6.19 21.90 -0.33
N LEU B 170 -5.01 21.53 0.17
CA LEU B 170 -4.87 21.12 1.55
C LEU B 170 -4.04 22.17 2.29
N MET B 171 -4.29 22.32 3.58
CA MET B 171 -3.46 23.17 4.42
C MET B 171 -2.89 22.36 5.55
N THR B 172 -1.64 22.65 5.89
CA THR B 172 -1.03 22.00 7.04
C THR B 172 -0.05 22.97 7.68
N TRP B 173 0.61 22.53 8.73
CA TRP B 173 1.68 23.29 9.33
C TRP B 173 3.01 22.62 9.03
N ARG B 174 4.10 23.37 9.17
CA ARG B 174 5.41 22.82 8.89
C ARG B 174 5.85 21.76 9.89
N GLY B 175 6.87 20.99 9.52
CA GLY B 175 7.40 19.94 10.36
C GLY B 175 6.70 18.60 10.18
N GLY B 176 5.79 18.52 9.23
CA GLY B 176 4.94 17.36 9.11
C GLY B 176 5.41 16.32 8.11
N TYR B 177 4.86 15.12 8.23
CA TYR B 177 5.17 14.01 7.35
C TYR B 177 3.93 13.13 7.22
N HIS B 178 3.62 12.72 5.99
CA HIS B 178 2.38 11.97 5.76
C HIS B 178 2.52 10.82 4.77
N GLY B 179 3.75 10.39 4.49
CA GLY B 179 3.98 9.28 3.59
C GLY B 179 4.72 9.67 2.33
N ASP B 180 4.87 8.71 1.42
CA ASP B 180 5.81 8.85 0.31
C ASP B 180 5.20 8.83 -1.07
N THR B 181 3.90 8.56 -1.18
CA THR B 181 3.26 8.64 -2.48
C THR B 181 3.10 10.12 -2.84
N PHE B 182 2.86 10.42 -4.11
CA PHE B 182 2.99 11.80 -4.58
C PHE B 182 2.05 12.83 -3.94
N LEU B 183 0.80 12.49 -3.64
CA LEU B 183 -0.04 13.47 -2.97
CA LEU B 183 -0.08 13.43 -2.95
C LEU B 183 0.37 13.58 -1.50
N ALA B 184 0.71 12.46 -0.86
CA ALA B 184 1.18 12.52 0.52
C ALA B 184 2.44 13.38 0.63
N MET B 185 3.30 13.31 -0.37
CA MET B 185 4.53 14.11 -0.39
C MET B 185 4.23 15.60 -0.36
N SER B 186 3.09 16.00 -0.93
CA SER B 186 2.77 17.41 -1.06
C SER B 186 2.49 18.10 0.27
N ILE B 187 2.22 17.33 1.32
CA ILE B 187 1.99 17.93 2.64
C ILE B 187 3.15 17.66 3.60
N CYS B 188 4.23 17.05 3.09
CA CYS B 188 5.49 17.02 3.82
C CYS B 188 6.10 18.42 3.77
N ASP B 189 6.79 18.82 4.82
CA ASP B 189 7.34 20.17 4.86
C ASP B 189 8.38 20.36 3.76
N PRO B 190 8.13 21.32 2.85
CA PRO B 190 9.06 21.49 1.72
C PRO B 190 10.36 22.20 2.13
N HIS B 191 10.42 22.74 3.34
CA HIS B 191 11.63 23.38 3.84
C HIS B 191 12.42 22.44 4.73
N GLY B 192 13.05 21.44 4.15
CA GLY B 192 13.88 20.53 4.91
C GLY B 192 13.27 19.18 5.19
N GLY B 193 12.00 18.99 4.82
CA GLY B 193 11.39 17.67 4.89
C GLY B 193 12.04 16.76 3.87
N MET B 194 11.79 15.46 4.00
CA MET B 194 12.55 14.52 3.17
C MET B 194 12.20 14.62 1.69
N HIS B 195 11.05 15.20 1.37
CA HIS B 195 10.63 15.31 -0.03
C HIS B 195 10.88 16.69 -0.61
N SER B 196 11.76 17.45 0.04
N SER B 196 11.75 17.46 0.04
CA SER B 196 11.98 18.87 -0.31
CA SER B 196 11.99 18.86 -0.31
C SER B 196 12.45 19.10 -1.74
C SER B 196 12.41 19.08 -1.76
N LEU B 197 13.17 18.14 -2.32
CA LEU B 197 13.68 18.30 -3.69
C LEU B 197 12.57 18.25 -4.75
N TRP B 198 11.41 17.73 -4.38
CA TRP B 198 10.32 17.51 -5.31
C TRP B 198 9.28 18.62 -5.33
N THR B 199 9.49 19.65 -4.51
CA THR B 199 8.47 20.66 -4.30
CA THR B 199 8.53 20.73 -4.31
C THR B 199 7.95 21.27 -5.62
N ASP B 200 8.83 21.42 -6.60
CA ASP B 200 8.47 22.01 -7.89
C ASP B 200 7.44 21.23 -8.71
N VAL B 201 7.27 19.95 -8.42
CA VAL B 201 6.34 19.14 -9.20
C VAL B 201 5.18 18.59 -8.37
N LEU B 202 5.16 18.92 -7.09
CA LEU B 202 4.08 18.45 -6.22
C LEU B 202 2.92 19.43 -6.25
N ALA B 203 1.73 18.95 -5.89
CA ALA B 203 0.58 19.82 -5.71
C ALA B 203 0.96 20.91 -4.72
N ALA B 204 0.57 22.14 -5.03
CA ALA B 204 0.95 23.29 -4.22
C ALA B 204 -0.04 23.47 -3.07
N GLN B 205 0.40 23.14 -1.86
CA GLN B 205 -0.47 23.23 -0.71
C GLN B 205 -0.16 24.46 0.13
N VAL B 206 -1.01 24.72 1.12
CA VAL B 206 -0.84 25.89 1.98
C VAL B 206 -0.18 25.45 3.28
N PHE B 207 0.94 26.09 3.61
CA PHE B 207 1.67 25.79 4.84
C PHE B 207 1.67 26.95 5.83
N ALA B 208 1.19 26.68 7.03
CA ALA B 208 1.35 27.57 8.17
C ALA B 208 2.72 27.30 8.79
N PRO B 209 3.26 28.26 9.55
CA PRO B 209 4.57 28.06 10.20
C PRO B 209 4.57 26.87 11.15
N GLN B 210 5.76 26.48 11.58
CA GLN B 210 5.93 25.40 12.54
C GLN B 210 5.13 25.66 13.82
N VAL B 211 4.31 24.70 14.23
CA VAL B 211 3.58 24.82 15.48
C VAL B 211 4.56 24.71 16.66
N PRO B 212 4.50 25.66 17.59
CA PRO B 212 5.42 25.65 18.73
C PRO B 212 5.12 24.53 19.71
N ARG B 213 6.05 24.21 20.60
CA ARG B 213 5.77 23.21 21.62
CA ARG B 213 5.79 23.21 21.63
C ARG B 213 4.80 23.75 22.66
N ASP B 214 5.12 24.91 23.24
CA ASP B 214 4.25 25.52 24.22
C ASP B 214 3.05 26.20 23.56
N TYR B 215 1.94 26.24 24.28
CA TYR B 215 0.73 26.84 23.74
C TYR B 215 0.80 28.37 23.68
N ASP B 216 0.57 28.91 22.49
CA ASP B 216 0.53 30.35 22.26
C ASP B 216 -0.68 30.65 21.39
N PRO B 217 -1.68 31.32 21.96
CA PRO B 217 -2.93 31.61 21.24
C PRO B 217 -2.67 32.41 19.97
N ALA B 218 -1.58 33.17 19.96
CA ALA B 218 -1.23 33.98 18.80
C ALA B 218 -0.92 33.11 17.60
N TYR B 219 -0.33 31.92 17.83
CA TYR B 219 -0.09 31.00 16.72
C TYR B 219 -1.41 30.60 16.08
N SER B 220 -2.39 30.24 16.91
CA SER B 220 -3.69 29.80 16.39
C SER B 220 -4.42 30.94 15.68
N ALA B 221 -4.34 32.14 16.24
CA ALA B 221 -4.96 33.31 15.61
C ALA B 221 -4.36 33.55 14.22
N ALA B 222 -3.04 33.40 14.10
CA ALA B 222 -2.37 33.58 12.80
C ALA B 222 -2.73 32.46 11.83
N PHE B 223 -2.81 31.23 12.33
CA PHE B 223 -3.22 30.10 11.52
C PHE B 223 -4.61 30.38 10.95
N GLU B 224 -5.49 30.87 11.81
CA GLU B 224 -6.86 31.18 11.41
C GLU B 224 -6.91 32.26 10.34
N ALA B 225 -6.13 33.32 10.52
CA ALA B 225 -6.10 34.41 9.54
C ALA B 225 -5.61 33.92 8.17
N GLN B 226 -4.60 33.05 8.17
CA GLN B 226 -4.07 32.48 6.94
C GLN B 226 -5.11 31.57 6.27
N LEU B 227 -5.70 30.68 7.07
CA LEU B 227 -6.73 29.78 6.56
C LEU B 227 -7.90 30.57 5.99
N ALA B 228 -8.32 31.63 6.69
CA ALA B 228 -9.47 32.43 6.26
C ALA B 228 -9.28 32.95 4.85
N GLN B 229 -8.06 33.39 4.56
CA GLN B 229 -7.75 33.90 3.23
C GLN B 229 -7.90 32.84 2.14
N HIS B 230 -7.64 31.59 2.49
CA HIS B 230 -7.68 30.48 1.53
C HIS B 230 -8.91 29.60 1.64
N ALA B 231 -9.84 29.95 2.51
CA ALA B 231 -10.92 29.02 2.87
C ALA B 231 -11.69 28.50 1.66
N GLY B 232 -11.94 29.38 0.69
CA GLY B 232 -12.69 29.05 -0.50
C GLY B 232 -11.99 28.08 -1.44
N GLU B 233 -10.70 27.85 -1.23
CA GLU B 233 -9.99 26.89 -2.06
C GLU B 233 -9.43 25.71 -1.26
N LEU B 234 -9.78 25.64 0.02
CA LEU B 234 -9.28 24.58 0.90
C LEU B 234 -10.33 23.49 1.13
N ALA B 235 -9.95 22.25 0.84
CA ALA B 235 -10.76 21.10 1.19
C ALA B 235 -10.59 20.70 2.66
N ALA B 236 -9.36 20.76 3.16
CA ALA B 236 -9.04 20.20 4.47
C ALA B 236 -7.76 20.76 5.03
N VAL B 237 -7.71 20.81 6.36
CA VAL B 237 -6.49 20.89 7.12
C VAL B 237 -6.08 19.47 7.47
N VAL B 238 -4.82 19.13 7.26
N VAL B 238 -4.82 19.13 7.26
CA VAL B 238 -4.30 17.80 7.59
CA VAL B 238 -4.32 17.80 7.61
C VAL B 238 -3.09 17.97 8.48
C VAL B 238 -3.08 17.94 8.46
N VAL B 239 -3.12 17.36 9.66
CA VAL B 239 -2.00 17.45 10.58
C VAL B 239 -1.80 16.14 11.31
N GLU B 240 -0.60 15.94 11.85
CA GLU B 240 -0.35 14.93 12.86
C GLU B 240 -0.66 15.55 14.22
N PRO B 241 -1.56 14.93 15.01
CA PRO B 241 -1.94 15.50 16.31
C PRO B 241 -0.92 15.22 17.40
N VAL B 242 -0.53 16.28 18.12
CA VAL B 242 0.35 16.25 19.30
C VAL B 242 1.83 15.94 19.02
N VAL B 243 2.09 14.90 18.25
CA VAL B 243 3.46 14.53 17.91
C VAL B 243 3.64 14.47 16.40
N GLN B 244 4.65 15.21 15.91
CA GLN B 244 5.06 15.11 14.53
C GLN B 244 6.28 14.19 14.49
N GLY B 245 6.13 13.01 13.89
CA GLY B 245 7.14 11.98 13.98
C GLY B 245 8.30 12.11 13.00
N ALA B 246 8.10 11.64 11.77
CA ALA B 246 9.20 11.55 10.81
C ALA B 246 9.81 12.89 10.43
N GLY B 247 9.04 13.96 10.61
CA GLY B 247 9.52 15.30 10.30
C GLY B 247 10.40 15.91 11.37
N GLY B 248 10.56 15.27 12.52
CA GLY B 248 11.47 15.79 13.51
C GLY B 248 11.19 15.47 14.98
N MET B 249 10.28 14.53 15.23
N MET B 249 10.29 14.52 15.23
CA MET B 249 9.95 14.14 16.61
CA MET B 249 9.94 14.12 16.59
C MET B 249 9.63 15.36 17.48
C MET B 249 9.59 15.32 17.50
N ARG B 250 8.78 16.23 16.95
CA ARG B 250 8.39 17.44 17.67
C ARG B 250 7.06 17.24 18.37
N PHE B 251 6.91 17.84 19.55
CA PHE B 251 5.68 17.75 20.31
C PHE B 251 5.04 19.13 20.35
N HIS B 252 3.71 19.18 20.34
CA HIS B 252 3.00 20.44 20.54
C HIS B 252 1.85 20.26 21.51
N ASP B 253 1.44 21.35 22.14
CA ASP B 253 0.37 21.34 23.11
C ASP B 253 -0.94 20.90 22.45
N PRO B 254 -1.63 19.93 23.07
CA PRO B 254 -2.89 19.44 22.49
C PRO B 254 -3.95 20.52 22.28
N ARG B 255 -3.84 21.63 23.01
N ARG B 255 -3.84 21.63 23.01
CA ARG B 255 -4.81 22.72 22.86
CA ARG B 255 -4.80 22.73 22.87
C ARG B 255 -4.85 23.27 21.43
C ARG B 255 -4.84 23.30 21.45
N TYR B 256 -3.73 23.18 20.72
CA TYR B 256 -3.71 23.61 19.33
C TYR B 256 -4.73 22.85 18.48
N LEU B 257 -4.94 21.59 18.82
CA LEU B 257 -5.87 20.75 18.08
C LEU B 257 -7.29 21.18 18.36
N HIS B 258 -7.53 21.65 19.57
CA HIS B 258 -8.83 22.22 19.92
C HIS B 258 -9.08 23.46 19.06
N ASP B 259 -8.04 24.28 18.88
CA ASP B 259 -8.15 25.47 18.05
C ASP B 259 -8.40 25.11 16.58
N LEU B 260 -7.66 24.13 16.06
CA LEU B 260 -7.88 23.70 14.67
C LEU B 260 -9.31 23.23 14.45
N ARG B 261 -9.84 22.46 15.39
CA ARG B 261 -11.22 21.99 15.27
C ARG B 261 -12.19 23.16 15.16
N ASP B 262 -11.97 24.16 16.01
CA ASP B 262 -12.81 25.34 16.05
C ASP B 262 -12.68 26.17 14.77
N ILE B 263 -11.45 26.40 14.35
CA ILE B 263 -11.21 27.11 13.10
C ILE B 263 -11.86 26.41 11.91
N CYS B 264 -11.65 25.11 11.82
CA CYS B 264 -12.20 24.35 10.72
C CYS B 264 -13.72 24.37 10.71
N ARG B 265 -14.32 24.27 11.89
CA ARG B 265 -15.77 24.36 12.03
C ARG B 265 -16.28 25.71 11.51
N ARG B 266 -15.65 26.79 11.96
CA ARG B 266 -16.13 28.14 11.64
C ARG B 266 -15.92 28.53 10.19
N TYR B 267 -14.86 28.00 9.57
CA TYR B 267 -14.55 28.36 8.19
C TYR B 267 -14.92 27.29 7.15
N GLU B 268 -15.61 26.25 7.60
CA GLU B 268 -16.08 25.18 6.71
C GLU B 268 -14.95 24.54 5.91
N VAL B 269 -13.96 24.05 6.64
CA VAL B 269 -12.88 23.29 6.07
C VAL B 269 -12.83 21.99 6.87
N LEU B 270 -12.67 20.86 6.19
CA LEU B 270 -12.58 19.58 6.90
C LEU B 270 -11.28 19.48 7.71
N LEU B 271 -11.33 18.73 8.80
CA LEU B 271 -10.15 18.47 9.61
C LEU B 271 -9.77 17.01 9.50
N ILE B 272 -8.53 16.75 9.08
CA ILE B 272 -8.00 15.40 8.97
C ILE B 272 -6.86 15.21 9.96
N PHE B 273 -6.96 14.22 10.82
CA PHE B 273 -5.84 13.86 11.69
C PHE B 273 -5.16 12.61 11.14
N ASP B 274 -3.86 12.72 10.91
CA ASP B 274 -3.06 11.57 10.54
C ASP B 274 -2.48 11.00 11.83
N GLU B 275 -3.09 9.90 12.29
CA GLU B 275 -2.68 9.24 13.53
C GLU B 275 -1.93 7.95 13.25
N ILE B 276 -1.30 7.86 12.08
CA ILE B 276 -0.59 6.65 11.72
C ILE B 276 0.57 6.35 12.67
N ALA B 277 1.23 7.40 13.17
CA ALA B 277 2.30 7.23 14.15
C ALA B 277 1.82 7.34 15.59
N THR B 278 0.79 8.14 15.83
CA THR B 278 0.36 8.43 17.19
C THR B 278 -0.68 7.46 17.76
N GLY B 279 -1.27 6.63 16.90
CA GLY B 279 -2.40 5.80 17.33
C GLY B 279 -2.05 4.70 18.31
N PHE B 280 -3.10 4.13 18.92
CA PHE B 280 -2.98 2.93 19.74
C PHE B 280 -2.04 3.09 20.94
N GLY B 281 -2.20 4.21 21.62
CA GLY B 281 -1.62 4.41 22.94
C GLY B 281 -0.26 5.09 22.98
N ARG B 282 0.36 5.27 21.82
CA ARG B 282 1.77 5.67 21.76
C ARG B 282 2.09 6.97 22.52
N THR B 283 1.17 7.93 22.50
CA THR B 283 1.41 9.21 23.18
C THR B 283 0.80 9.31 24.57
N GLY B 284 0.29 8.20 25.09
CA GLY B 284 -0.27 8.19 26.43
C GLY B 284 -1.79 8.27 26.46
N ALA B 285 -2.38 8.57 25.32
CA ALA B 285 -3.82 8.49 25.15
C ALA B 285 -4.05 7.45 24.05
N LEU B 286 -5.26 6.91 23.96
CA LEU B 286 -5.51 5.86 22.98
C LEU B 286 -5.23 6.38 21.57
N PHE B 287 -5.75 7.57 21.30
CA PHE B 287 -5.39 8.33 20.11
C PHE B 287 -5.00 9.71 20.57
N ALA B 288 -4.06 10.33 19.86
CA ALA B 288 -3.53 11.60 20.32
C ALA B 288 -4.60 12.69 20.38
N ALA B 289 -5.60 12.60 19.50
CA ALA B 289 -6.73 13.53 19.51
C ALA B 289 -7.41 13.56 20.88
N ASP B 290 -7.36 12.43 21.59
CA ASP B 290 -8.02 12.33 22.89
C ASP B 290 -7.39 13.26 23.93
N HIS B 291 -6.13 13.65 23.74
CA HIS B 291 -5.49 14.61 24.64
C HIS B 291 -6.21 15.96 24.58
N ALA B 292 -6.81 16.25 23.44
CA ALA B 292 -7.47 17.54 23.21
C ALA B 292 -8.98 17.42 23.35
N GLY B 293 -9.48 16.19 23.34
CA GLY B 293 -10.91 15.94 23.40
C GLY B 293 -11.65 16.40 22.17
N VAL B 294 -11.01 16.33 21.01
CA VAL B 294 -11.68 16.68 19.76
C VAL B 294 -11.69 15.52 18.77
N SER B 295 -12.60 15.60 17.81
CA SER B 295 -12.70 14.61 16.76
C SER B 295 -12.48 15.27 15.41
N PRO B 296 -11.66 14.65 14.56
CA PRO B 296 -11.50 15.15 13.20
C PRO B 296 -12.67 14.67 12.36
N ASP B 297 -12.82 15.21 11.16
CA ASP B 297 -13.81 14.69 10.22
C ASP B 297 -13.34 13.40 9.55
N ILE B 298 -12.03 13.28 9.36
CA ILE B 298 -11.41 12.13 8.74
C ILE B 298 -10.15 11.81 9.53
N MET B 299 -9.85 10.52 9.68
CA MET B 299 -8.70 10.08 10.46
C MET B 299 -8.00 8.91 9.77
N CYS B 300 -6.68 8.92 9.81
CA CYS B 300 -5.88 7.82 9.27
C CYS B 300 -5.18 7.08 10.39
N VAL B 301 -5.19 5.75 10.31
CA VAL B 301 -4.44 4.92 11.22
C VAL B 301 -3.66 3.87 10.45
N GLY B 302 -2.62 3.33 11.08
CA GLY B 302 -1.77 2.33 10.45
C GLY B 302 -0.71 1.89 11.43
N LYS B 303 0.47 1.55 10.91
CA LYS B 303 1.62 1.15 11.73
C LYS B 303 1.27 0.17 12.86
N ALA B 304 1.07 0.67 14.08
CA ALA B 304 0.78 -0.19 15.22
C ALA B 304 -0.57 -0.91 15.13
N LEU B 305 -1.40 -0.54 14.15
CA LEU B 305 -2.69 -1.19 13.92
C LEU B 305 -2.62 -2.72 13.94
N THR B 306 -1.63 -3.29 13.26
CA THR B 306 -1.48 -4.74 13.20
C THR B 306 -0.50 -5.31 14.21
N GLY B 307 -0.05 -4.50 15.16
CA GLY B 307 0.95 -4.95 16.09
C GLY B 307 2.27 -5.24 15.39
N GLY B 308 2.43 -4.71 14.18
CA GLY B 308 3.67 -4.85 13.45
C GLY B 308 3.85 -6.16 12.72
N TYR B 309 2.77 -6.89 12.49
CA TYR B 309 2.86 -8.18 11.80
C TYR B 309 2.79 -8.05 10.30
N LEU B 310 1.84 -7.23 9.84
CA LEU B 310 1.48 -7.13 8.44
C LEU B 310 1.12 -5.70 8.09
N SER B 311 1.24 -5.35 6.82
CA SER B 311 0.84 -4.03 6.38
C SER B 311 -0.68 -3.91 6.36
N LEU B 312 -1.20 -2.89 7.05
CA LEU B 312 -2.62 -2.55 7.01
C LEU B 312 -2.76 -1.10 7.46
N ALA B 313 -3.77 -0.42 6.94
CA ALA B 313 -4.06 0.94 7.34
C ALA B 313 -5.56 1.15 7.19
N ALA B 314 -6.06 2.24 7.74
CA ALA B 314 -7.48 2.54 7.59
C ALA B 314 -7.71 4.03 7.59
N THR B 315 -8.73 4.43 6.86
CA THR B 315 -9.17 5.82 6.86
C THR B 315 -10.60 5.82 7.35
N LEU B 316 -10.84 6.53 8.45
CA LEU B 316 -12.17 6.63 9.02
C LEU B 316 -12.74 8.01 8.72
N CYS B 317 -14.06 8.08 8.60
CA CYS B 317 -14.72 9.38 8.44
C CYS B 317 -16.08 9.37 9.12
N THR B 318 -16.63 10.57 9.26
CA THR B 318 -17.94 10.73 9.88
C THR B 318 -19.05 10.33 8.92
N ALA B 319 -20.24 10.18 9.48
CA ALA B 319 -21.43 9.89 8.69
C ALA B 319 -21.66 10.97 7.65
N ASP B 320 -21.47 12.23 8.05
CA ASP B 320 -21.65 13.38 7.15
CA ASP B 320 -21.68 13.33 7.13
C ASP B 320 -20.72 13.27 5.95
N VAL B 321 -19.45 12.97 6.21
CA VAL B 321 -18.50 12.88 5.13
C VAL B 321 -18.88 11.74 4.19
N ALA B 322 -19.18 10.57 4.76
CA ALA B 322 -19.50 9.40 3.96
C ALA B 322 -20.72 9.63 3.07
N HIS B 323 -21.79 10.19 3.66
CA HIS B 323 -23.02 10.41 2.91
C HIS B 323 -22.84 11.47 1.81
N THR B 324 -22.12 12.53 2.14
CA THR B 324 -21.95 13.66 1.21
C THR B 324 -21.10 13.27 0.01
N ILE B 325 -20.16 12.36 0.18
N ILE B 325 -20.07 12.47 0.26
CA ILE B 325 -19.50 11.78 -0.97
CA ILE B 325 -19.07 12.08 -0.73
C ILE B 325 -20.51 10.96 -1.79
C ILE B 325 -19.72 11.53 -2.00
N SER B 326 -21.30 10.15 -1.10
N SER B 326 -20.89 10.92 -1.85
CA SER B 326 -22.19 9.22 -1.79
CA SER B 326 -21.61 10.40 -3.01
C SER B 326 -23.38 9.88 -2.49
C SER B 326 -22.91 11.17 -3.22
N ALA B 327 -23.82 11.02 -1.97
N ALA B 327 -23.01 12.34 -2.59
CA ALA B 327 -24.95 11.74 -2.56
CA ALA B 327 -24.11 13.25 -2.83
C ALA B 327 -24.53 12.59 -3.77
C ALA B 327 -23.72 14.18 -3.99
N GLY B 328 -23.22 12.67 -3.99
N GLY B 328 -24.64 15.05 -4.41
CA GLY B 328 -22.70 13.49 -5.06
CA GLY B 328 -24.35 16.02 -5.44
C GLY B 328 -23.02 12.94 -6.43
C GLY B 328 -23.78 15.47 -6.73
N ALA B 329 -23.08 13.83 -7.42
N ALA B 329 -24.21 14.26 -7.10
CA ALA B 329 -23.34 13.45 -8.79
CA ALA B 329 -23.73 13.56 -8.30
C ALA B 329 -22.25 12.52 -9.30
C ALA B 329 -22.24 13.28 -8.30
N ALA B 330 -21.02 12.80 -8.85
N ALA B 330 -21.63 13.27 -7.12
CA ALA B 330 -19.85 12.02 -9.23
CA ALA B 330 -20.19 13.04 -7.00
C ALA B 330 -20.03 10.56 -8.86
C ALA B 330 -19.82 11.58 -7.30
N GLY B 331 -20.69 10.32 -7.72
N GLY B 331 -20.78 10.67 -7.13
CA GLY B 331 -21.03 8.98 -7.30
CA GLY B 331 -20.58 9.27 -7.48
C GLY B 331 -20.04 8.34 -6.36
C GLY B 331 -19.79 8.47 -6.47
N ALA B 332 -19.50 7.20 -6.80
CA ALA B 332 -18.71 6.33 -5.94
C ALA B 332 -17.33 6.88 -5.61
N LEU B 333 -16.81 6.46 -4.46
CA LEU B 333 -15.42 6.72 -4.10
C LEU B 333 -14.57 5.73 -4.90
N MET B 334 -13.87 6.21 -5.92
CA MET B 334 -13.14 5.32 -6.82
C MET B 334 -11.76 4.94 -6.27
N HIS B 335 -11.78 4.08 -5.27
CA HIS B 335 -10.58 3.55 -4.68
C HIS B 335 -10.89 2.15 -4.21
N GLY B 336 -9.92 1.25 -4.30
CA GLY B 336 -10.17 -0.12 -3.92
C GLY B 336 -8.93 -0.99 -4.03
N PRO B 337 -8.09 -1.00 -2.99
CA PRO B 337 -6.87 -1.80 -3.05
C PRO B 337 -7.16 -3.28 -3.26
N THR B 338 -6.35 -3.95 -4.06
CA THR B 338 -6.55 -5.36 -4.33
C THR B 338 -6.71 -6.17 -3.06
N PHE B 339 -5.84 -5.92 -2.09
CA PHE B 339 -5.88 -6.67 -0.83
C PHE B 339 -6.67 -5.98 0.25
N MET B 340 -7.58 -5.08 -0.15
CA MET B 340 -8.43 -4.38 0.79
C MET B 340 -9.07 -5.30 1.82
N ALA B 341 -8.96 -4.94 3.10
CA ALA B 341 -9.56 -5.68 4.20
C ALA B 341 -9.10 -7.14 4.26
N ASN B 342 -7.84 -7.39 3.91
CA ASN B 342 -7.25 -8.73 3.95
C ASN B 342 -7.56 -9.44 5.27
N PRO B 343 -8.21 -10.62 5.20
CA PRO B 343 -8.56 -11.36 6.43
C PRO B 343 -7.38 -11.60 7.37
N LEU B 344 -6.21 -11.95 6.86
CA LEU B 344 -5.07 -12.20 7.73
C LEU B 344 -4.65 -10.95 8.49
N ALA B 345 -4.48 -9.85 7.76
CA ALA B 345 -4.08 -8.59 8.39
C ALA B 345 -5.16 -8.10 9.35
N CYS B 346 -6.43 -8.24 8.97
CA CYS B 346 -7.50 -7.81 9.86
C CYS B 346 -7.56 -8.66 11.13
N ALA B 347 -7.39 -9.97 10.99
CA ALA B 347 -7.47 -10.86 12.13
C ALA B 347 -6.39 -10.57 13.17
N VAL B 348 -5.16 -10.33 12.71
N VAL B 348 -5.15 -10.36 12.72
CA VAL B 348 -4.08 -10.04 13.64
CA VAL B 348 -4.08 -10.02 13.64
C VAL B 348 -4.22 -8.64 14.24
C VAL B 348 -4.37 -8.68 14.30
N SER B 349 -4.84 -7.73 13.50
CA SER B 349 -5.13 -6.39 14.03
CA SER B 349 -5.14 -6.40 14.02
C SER B 349 -6.20 -6.44 15.11
N VAL B 350 -7.25 -7.24 14.89
CA VAL B 350 -8.28 -7.41 15.91
C VAL B 350 -7.65 -7.90 17.22
N ALA B 351 -6.78 -8.89 17.12
CA ALA B 351 -6.11 -9.42 18.30
C ALA B 351 -5.22 -8.38 18.97
N SER B 352 -4.51 -7.59 18.16
CA SER B 352 -3.63 -6.56 18.68
C SER B 352 -4.41 -5.48 19.42
N VAL B 353 -5.51 -5.02 18.82
CA VAL B 353 -6.34 -4.01 19.45
C VAL B 353 -6.98 -4.53 20.73
N GLU B 354 -7.52 -5.76 20.67
CA GLU B 354 -8.14 -6.35 21.84
C GLU B 354 -7.14 -6.55 22.98
N LEU B 355 -5.92 -6.93 22.63
CA LEU B 355 -4.87 -7.14 23.64
C LEU B 355 -4.51 -5.81 24.32
N LEU B 356 -4.49 -4.73 23.53
CA LEU B 356 -4.24 -3.41 24.08
C LEU B 356 -5.37 -2.97 25.02
N LEU B 357 -6.60 -3.15 24.57
CA LEU B 357 -7.77 -2.70 25.32
C LEU B 357 -8.02 -3.53 26.58
N GLY B 358 -7.57 -4.79 26.57
CA GLY B 358 -7.82 -5.70 27.66
C GLY B 358 -6.86 -5.57 28.82
N GLN B 359 -5.92 -4.63 28.71
CA GLN B 359 -4.98 -4.39 29.78
C GLN B 359 -5.04 -2.93 30.19
N ASP B 360 -4.39 -2.59 31.29
CA ASP B 360 -4.32 -1.21 31.73
C ASP B 360 -3.22 -0.51 30.93
N TRP B 361 -3.50 -0.25 29.66
CA TRP B 361 -2.50 0.33 28.77
C TRP B 361 -2.08 1.73 29.22
N ARG B 362 -3.00 2.48 29.83
CA ARG B 362 -2.68 3.85 30.20
C ARG B 362 -1.61 3.90 31.29
N THR B 363 -1.72 3.01 32.27
CA THR B 363 -0.70 2.89 33.29
C THR B 363 0.62 2.39 32.70
N ARG B 364 0.53 1.43 31.80
CA ARG B 364 1.73 0.90 31.14
C ARG B 364 2.52 2.02 30.45
N ILE B 365 1.83 2.85 29.68
CA ILE B 365 2.49 3.94 28.97
C ILE B 365 3.06 4.99 29.93
N THR B 366 2.32 5.26 31.00
CA THR B 366 2.80 6.21 32.01
C THR B 366 4.11 5.71 32.62
N GLU B 367 4.17 4.41 32.88
CA GLU B 367 5.39 3.80 33.41
C GLU B 367 6.55 3.87 32.41
N LEU B 368 6.25 3.61 31.14
CA LEU B 368 7.27 3.72 30.09
C LEU B 368 7.80 5.14 29.98
N ALA B 369 6.91 6.13 30.00
CA ALA B 369 7.31 7.52 29.93
C ALA B 369 8.22 7.90 31.11
N ALA B 370 7.87 7.43 32.30
CA ALA B 370 8.68 7.71 33.48
C ALA B 370 10.06 7.09 33.34
N GLY B 371 10.11 5.88 32.79
CA GLY B 371 11.38 5.19 32.56
C GLY B 371 12.25 5.90 31.55
N LEU B 372 11.64 6.36 30.45
CA LEU B 372 12.37 7.09 29.44
C LEU B 372 12.91 8.41 29.99
N THR B 373 12.07 9.14 30.72
CA THR B 373 12.47 10.40 31.33
C THR B 373 13.65 10.21 32.28
N ALA B 374 13.55 9.20 33.13
CA ALA B 374 14.59 8.94 34.12
C ALA B 374 15.91 8.55 33.46
N GLY B 375 15.82 7.72 32.42
CA GLY B 375 17.00 7.23 31.75
C GLY B 375 17.67 8.21 30.82
N LEU B 376 16.92 9.18 30.29
CA LEU B 376 17.46 10.11 29.32
C LEU B 376 17.94 11.42 29.93
N ASP B 377 17.66 11.60 31.21
CA ASP B 377 17.93 12.87 31.89
C ASP B 377 19.41 13.27 31.82
N THR B 378 20.30 12.28 31.92
N THR B 378 20.30 12.29 31.96
CA THR B 378 21.73 12.56 31.93
CA THR B 378 21.73 12.52 31.92
C THR B 378 22.25 13.04 30.58
C THR B 378 22.16 13.20 30.61
N ALA B 379 21.43 12.89 29.54
CA ALA B 379 21.79 13.38 28.21
C ALA B 379 21.72 14.91 28.07
N ARG B 380 20.91 15.56 28.90
CA ARG B 380 20.74 17.01 28.82
C ARG B 380 22.06 17.76 28.94
N ALA B 381 22.99 17.20 29.71
CA ALA B 381 24.25 17.87 30.01
C ALA B 381 25.33 17.66 28.94
N LEU B 382 25.07 16.74 28.01
N LEU B 382 25.08 16.74 28.03
CA LEU B 382 26.03 16.43 26.95
CA LEU B 382 26.05 16.43 26.97
C LEU B 382 26.21 17.61 26.00
C LEU B 382 26.21 17.60 25.99
N PRO B 383 27.45 17.84 25.55
CA PRO B 383 27.79 19.00 24.70
C PRO B 383 27.02 19.09 23.37
N ALA B 384 26.67 17.95 22.76
CA ALA B 384 25.99 17.99 21.47
C ALA B 384 24.48 17.91 21.60
N VAL B 385 23.97 17.87 22.81
CA VAL B 385 22.53 17.70 23.03
C VAL B 385 21.84 19.05 23.21
N THR B 386 20.81 19.29 22.39
CA THR B 386 20.08 20.55 22.43
C THR B 386 18.77 20.40 23.19
N ASP B 387 18.21 19.19 23.21
CA ASP B 387 16.96 18.96 23.92
C ASP B 387 16.77 17.48 24.22
N VAL B 388 16.11 17.20 25.33
CA VAL B 388 15.66 15.84 25.64
C VAL B 388 14.18 15.95 25.96
N ARG B 389 13.36 15.14 25.30
CA ARG B 389 11.92 15.24 25.49
C ARG B 389 11.25 13.88 25.39
N VAL B 390 10.20 13.71 26.19
CA VAL B 390 9.47 12.45 26.28
C VAL B 390 7.97 12.72 26.21
N CYS B 391 7.26 11.92 25.42
CA CYS B 391 5.82 11.99 25.36
C CYS B 391 5.27 10.59 25.26
N GLY B 392 4.65 10.10 26.34
CA GLY B 392 4.21 8.72 26.37
C GLY B 392 5.39 7.79 26.13
N ALA B 393 5.20 6.79 25.27
CA ALA B 393 6.26 5.85 24.95
C ALA B 393 7.13 6.32 23.79
N ILE B 394 7.52 7.59 23.84
CA ILE B 394 8.40 8.21 22.86
C ILE B 394 9.45 8.99 23.61
N GLY B 395 10.73 8.66 23.38
CA GLY B 395 11.82 9.36 24.04
C GLY B 395 12.80 9.89 23.01
N VAL B 396 13.15 11.16 23.13
CA VAL B 396 13.93 11.83 22.09
C VAL B 396 15.12 12.59 22.68
N ILE B 397 16.31 12.33 22.16
CA ILE B 397 17.46 13.21 22.35
C ILE B 397 17.71 13.94 21.04
N GLU B 398 17.56 15.27 21.05
CA GLU B 398 17.83 16.06 19.86
C GLU B 398 19.26 16.60 19.95
N CYS B 399 20.04 16.37 18.90
CA CYS B 399 21.43 16.80 18.89
C CYS B 399 21.63 18.03 18.03
N ASP B 400 22.83 18.62 18.09
CA ASP B 400 23.14 19.84 17.36
C ASP B 400 23.81 19.57 16.02
N ARG B 401 23.93 18.31 15.66
CA ARG B 401 24.57 17.92 14.41
C ARG B 401 24.00 16.56 13.99
N PRO B 402 24.17 16.19 12.71
CA PRO B 402 23.66 14.89 12.27
C PRO B 402 24.32 13.73 13.01
N VAL B 403 23.53 12.70 13.29
CA VAL B 403 24.00 11.50 13.95
C VAL B 403 24.58 10.51 12.95
N ASP B 404 25.89 10.28 13.01
CA ASP B 404 26.56 9.37 12.10
C ASP B 404 26.19 7.92 12.43
N LEU B 405 25.45 7.27 11.53
CA LEU B 405 25.05 5.89 11.72
C LEU B 405 26.23 4.93 11.83
N ALA B 406 27.35 5.26 11.21
CA ALA B 406 28.51 4.38 11.21
C ALA B 406 29.10 4.28 12.61
N VAL B 407 28.87 5.32 13.40
CA VAL B 407 29.31 5.35 14.79
C VAL B 407 28.22 4.87 15.73
N ALA B 408 27.00 5.38 15.53
CA ALA B 408 25.88 5.08 16.41
C ALA B 408 25.49 3.60 16.40
N THR B 409 25.46 2.98 15.22
CA THR B 409 24.96 1.61 15.10
C THR B 409 25.77 0.59 15.89
N PRO B 410 27.09 0.52 15.67
CA PRO B 410 27.84 -0.47 16.47
C PRO B 410 27.86 -0.12 17.95
N ALA B 411 27.83 1.17 18.27
CA ALA B 411 27.83 1.58 19.68
C ALA B 411 26.60 1.06 20.41
N ALA B 412 25.44 1.16 19.77
CA ALA B 412 24.21 0.70 20.38
C ALA B 412 24.15 -0.83 20.40
N LEU B 413 24.57 -1.45 19.30
CA LEU B 413 24.57 -2.92 19.22
C LEU B 413 25.46 -3.56 20.27
N ASP B 414 26.61 -2.95 20.52
CA ASP B 414 27.51 -3.48 21.54
C ASP B 414 26.89 -3.35 22.93
N ARG B 415 25.92 -2.45 23.05
CA ARG B 415 25.19 -2.27 24.30
C ARG B 415 23.83 -2.98 24.31
N GLY B 416 23.63 -3.85 23.33
CA GLY B 416 22.45 -4.71 23.28
C GLY B 416 21.17 -4.02 22.85
N VAL B 417 21.29 -2.96 22.05
CA VAL B 417 20.11 -2.23 21.63
C VAL B 417 20.18 -1.91 20.14
N TRP B 418 19.08 -2.15 19.44
CA TRP B 418 18.91 -1.66 18.08
C TRP B 418 18.28 -0.27 18.09
N LEU B 419 19.05 0.72 17.63
CA LEU B 419 18.56 2.09 17.47
C LEU B 419 18.72 2.47 16.01
N ARG B 420 17.79 3.27 15.51
CA ARG B 420 17.93 3.84 14.17
C ARG B 420 17.72 5.35 14.22
N PRO B 421 18.81 6.08 14.51
CA PRO B 421 18.71 7.54 14.45
C PRO B 421 18.38 8.01 13.03
N PHE B 422 17.87 9.22 12.92
CA PHE B 422 17.80 9.89 11.63
C PHE B 422 18.05 11.36 11.87
N ARG B 423 18.58 12.04 10.87
CA ARG B 423 18.98 13.44 11.00
C ARG B 423 19.79 13.64 12.29
N ASN B 424 19.34 14.55 13.15
CA ASN B 424 20.04 14.86 14.39
C ASN B 424 19.37 14.23 15.62
N LEU B 425 18.58 13.19 15.39
CA LEU B 425 17.73 12.64 16.42
C LEU B 425 18.12 11.23 16.85
N VAL B 426 18.37 11.06 18.14
CA VAL B 426 18.52 9.74 18.74
C VAL B 426 17.27 9.51 19.56
N TYR B 427 16.44 8.57 19.14
CA TYR B 427 15.13 8.42 19.74
C TYR B 427 14.71 6.95 19.86
N ALA B 428 13.74 6.70 20.73
CA ALA B 428 13.18 5.36 20.87
C ALA B 428 11.67 5.41 20.92
N MET B 429 11.05 4.39 20.33
CA MET B 429 9.62 4.17 20.47
CA MET B 429 9.62 4.16 20.42
C MET B 429 9.46 2.69 20.79
N PRO B 430 9.75 2.33 22.05
CA PRO B 430 9.86 0.92 22.41
C PRO B 430 8.54 0.18 22.52
N PRO B 431 8.58 -1.15 22.40
CA PRO B 431 7.39 -1.95 22.61
C PRO B 431 6.83 -1.70 24.00
N TYR B 432 5.50 -1.80 24.13
CA TYR B 432 4.86 -1.52 25.41
C TYR B 432 5.20 -2.59 26.44
N ILE B 433 5.67 -3.74 25.98
CA ILE B 433 5.98 -4.85 26.88
C ILE B 433 7.38 -4.75 27.50
N CYS B 434 8.10 -3.68 27.21
CA CYS B 434 9.44 -3.52 27.76
C CYS B 434 9.41 -3.36 29.27
N THR B 435 10.23 -4.15 29.95
CA THR B 435 10.36 -4.08 31.40
C THR B 435 11.18 -2.85 31.78
N PRO B 436 11.10 -2.44 33.06
CA PRO B 436 11.92 -1.31 33.49
C PRO B 436 13.41 -1.51 33.20
N ALA B 437 13.90 -2.73 33.38
CA ALA B 437 15.30 -3.04 33.07
C ALA B 437 15.59 -2.83 31.58
N GLU B 438 14.65 -3.23 30.72
CA GLU B 438 14.83 -3.07 29.29
C GLU B 438 14.83 -1.60 28.87
N ILE B 439 13.96 -0.79 29.48
CA ILE B 439 13.94 0.65 29.21
C ILE B 439 15.24 1.30 29.69
N THR B 440 15.74 0.86 30.83
CA THR B 440 17.02 1.35 31.34
C THR B 440 18.15 1.02 30.36
N GLN B 441 18.11 -0.18 29.78
CA GLN B 441 19.11 -0.58 28.80
C GLN B 441 19.00 0.25 27.52
N ILE B 442 17.77 0.48 27.07
CA ILE B 442 17.55 1.29 25.88
C ILE B 442 18.05 2.73 26.08
N THR B 443 17.66 3.35 27.18
CA THR B 443 18.06 4.73 27.43
C THR B 443 19.57 4.88 27.62
N SER B 444 20.20 3.90 28.26
CA SER B 444 21.64 3.93 28.43
C SER B 444 22.36 3.92 27.08
N ALA B 445 21.86 3.11 26.15
CA ALA B 445 22.45 3.06 24.82
C ALA B 445 22.27 4.38 24.08
N MET B 446 21.09 4.98 24.25
CA MET B 446 20.80 6.26 23.64
C MET B 446 21.74 7.35 24.14
N VAL B 447 21.98 7.36 25.45
CA VAL B 447 22.87 8.33 26.05
C VAL B 447 24.31 8.16 25.52
N GLU B 448 24.75 6.91 25.41
CA GLU B 448 26.08 6.64 24.87
C GLU B 448 26.22 7.09 23.42
N VAL B 449 25.18 6.89 22.63
CA VAL B 449 25.19 7.37 21.26
C VAL B 449 25.32 8.89 21.21
N ALA B 450 24.52 9.56 22.04
CA ALA B 450 24.58 11.01 22.15
C ALA B 450 25.94 11.51 22.61
N ARG B 451 26.59 10.76 23.49
CA ARG B 451 27.92 11.14 23.97
CA ARG B 451 27.93 11.13 23.97
C ARG B 451 28.93 11.07 22.83
N LEU B 452 28.82 10.03 22.00
CA LEU B 452 29.70 9.84 20.86
C LEU B 452 29.51 10.91 19.79
N VAL B 453 28.27 11.36 19.61
CA VAL B 453 27.99 12.42 18.65
C VAL B 453 28.81 13.66 18.97
N GLY B 454 28.91 13.99 20.25
CA GLY B 454 29.57 15.20 20.71
C GLY B 454 31.08 15.13 20.82
N SER B 455 31.67 13.99 20.47
CA SER B 455 33.12 13.88 20.47
C SER B 455 33.67 14.07 19.06
N LEU B 456 32.76 14.21 18.09
CA LEU B 456 33.09 14.41 16.68
C LEU B 456 34.24 13.53 16.18
N1 PLP C . -1.72 -1.82 -12.22
C2 PLP C . -2.39 -2.81 -12.84
C2A PLP C . -2.20 -3.03 -14.31
C3 PLP C . -3.27 -3.67 -12.04
O3 PLP C . -3.96 -4.64 -12.64
C4 PLP C . -3.40 -3.43 -10.60
C4A PLP C . -4.26 -4.30 -9.74
C5 PLP C . -2.63 -2.30 -10.06
C6 PLP C . -1.83 -1.56 -10.92
C5A PLP C . -2.61 -1.93 -8.61
O4P PLP C . -3.92 -1.81 -8.04
P PLP C . -4.01 -2.10 -6.45
O1P PLP C . -5.48 -1.93 -6.16
O2P PLP C . -3.13 -1.05 -5.79
O3P PLP C . -3.52 -3.52 -6.28
CAA 3VR D . -8.43 -3.93 -6.96
NAL 3VR D . -7.82 -2.71 -7.53
CAI 3VR D . -7.41 -2.88 -8.96
CAM 3VR D . -8.50 -3.23 -9.81
CAE 3VR D . -9.40 -2.25 -10.26
CAG 3VR D . -10.48 -2.58 -11.08
CAD 3VR D . -8.73 -4.56 -10.21
CAF 3VR D . -9.81 -4.88 -11.03
CAN 3VR D . -10.69 -3.89 -11.47
CAJ 3VR D . -11.79 -4.22 -12.30
NAO 3VR D . -13.01 -4.16 -11.47
NAK 3VR D . -13.49 -5.11 -10.86
CAC 3VR D . -14.57 -4.73 -10.18
CAB 3VR D . -14.73 -3.43 -10.42
CAH 3VR D . -13.74 -3.08 -11.23
N1 EPE E . -20.00 -1.42 -8.14
C2 EPE E . -19.88 -0.34 -7.16
C3 EPE E . -20.51 0.92 -7.74
N4 EPE E . -21.90 0.69 -8.13
C5 EPE E . -22.17 -0.55 -8.81
C6 EPE E . -21.43 -1.76 -8.25
C7 EPE E . -22.63 1.84 -8.62
C8 EPE E . -22.30 3.15 -7.91
O8 EPE E . -23.01 3.24 -6.70
C9 EPE E . -19.26 -2.61 -7.69
C10 EPE E . -17.77 -2.35 -7.49
S EPE E . -16.88 -3.88 -7.10
O1S EPE E . -17.12 -4.82 -8.20
O2S EPE E . -17.45 -4.41 -5.86
O3S EPE E . -15.47 -3.52 -6.95
C1 EDO F . -9.46 -6.57 -27.13
O1 EDO F . -8.47 -7.49 -27.59
C2 EDO F . -10.46 -6.23 -28.21
O2 EDO F . -11.26 -5.14 -27.75
C1 EDO G . -0.05 -13.01 -26.77
O1 EDO G . -0.96 -13.67 -25.89
C2 EDO G . -0.80 -12.60 -28.04
O2 EDO G . -1.95 -11.85 -27.68
C1 EDO H . 22.87 14.26 -22.48
O1 EDO H . 23.55 13.32 -23.34
C2 EDO H . 21.43 13.85 -22.33
O2 EDO H . 20.79 13.79 -23.62
C1 EDO I . -20.23 -23.74 -22.06
O1 EDO I . -19.22 -24.10 -21.12
C2 EDO I . -21.62 -24.20 -21.62
O2 EDO I . -22.59 -23.33 -22.23
C1 EDO J . 17.33 -2.24 -26.28
O1 EDO J . 16.80 -2.57 -27.58
C2 EDO J . 16.54 -1.07 -25.71
O2 EDO J . 17.08 -0.69 -24.43
C1 EDO K . 14.04 -13.22 -18.84
O1 EDO K . 14.23 -14.16 -17.79
C2 EDO K . 12.58 -13.25 -19.31
O2 EDO K . 11.70 -12.87 -18.25
C1 EDO L . 14.04 -16.54 -20.09
O1 EDO L . 15.07 -16.38 -19.11
C2 EDO L . 12.70 -16.76 -19.38
O2 EDO L . 11.64 -16.21 -20.18
N1 PLP M . 1.81 9.40 8.20
C2 PLP M . 2.52 9.41 9.35
C2A PLP M . 2.35 10.52 10.32
C3 PLP M . 3.46 8.31 9.63
O3 PLP M . 4.19 8.32 10.76
C4 PLP M . 3.57 7.24 8.65
C4A PLP M . 4.48 6.07 8.91
C5 PLP M . 2.75 7.36 7.43
C6 PLP M . 1.91 8.44 7.28
C5A PLP M . 2.74 6.33 6.34
O4P PLP M . 4.04 5.96 5.89
P PLP M . 4.19 4.48 5.24
O1P PLP M . 3.75 3.54 6.35
O2P PLP M . 5.66 4.37 4.91
O3P PLP M . 3.27 4.46 4.03
CAA 3VR N . 8.66 4.09 7.09
NAL 3VR N . 7.98 5.16 6.32
CAI 3VR N . 7.58 6.25 7.24
CAM 3VR N . 8.68 6.82 7.95
CAE 3VR N . 9.56 7.70 7.33
CAG 3VR N . 10.65 8.24 8.03
CAD 3VR N . 8.91 6.49 9.29
CAF 3VR N . 10.00 7.03 9.99
CAN 3VR N . 10.87 7.90 9.36
CAJ 3VR N . 11.98 8.45 10.06
NAO 3VR N . 13.24 7.85 9.53
NAK 3VR N . 13.75 6.79 9.93
CAC 3VR N . 14.85 6.52 9.21
CAB 3VR N . 15.00 7.50 8.32
CAH 3VR N . 13.97 8.34 8.52
N1 EPE O . 20.15 6.70 5.43
C2 EPE O . 20.05 6.53 3.96
C3 EPE O . 20.68 7.72 3.26
N4 EPE O . 22.04 7.97 3.74
C5 EPE O . 22.24 7.87 5.17
C6 EPE O . 21.58 6.65 5.76
C7 EPE O . 22.77 9.05 3.09
C8 EPE O . 22.34 9.31 1.65
O8 EPE O . 22.88 8.32 0.79
C9 EPE O . 19.48 5.59 6.13
C10 EPE O . 17.99 5.56 5.83
S EPE O . 17.12 4.37 6.91
O1S EPE O . 17.71 3.05 6.69
O2S EPE O . 15.71 4.41 6.57
O3S EPE O . 17.35 4.81 8.29
C1 EDO P . 28.61 -12.66 19.81
O1 EDO P . 29.96 -12.63 19.35
C2 EDO P . 28.36 -13.91 20.64
O2 EDO P . 28.45 -15.08 19.82
C1 EDO Q . 10.57 20.89 20.31
O1 EDO Q . 11.22 21.26 19.09
C2 EDO Q . 9.69 19.68 20.04
O2 EDO Q . 8.68 19.56 21.04
C1 EDO R . 17.92 -11.79 27.30
O1 EDO R . 17.66 -13.19 27.47
C2 EDO R . 17.54 -11.38 25.88
O2 EDO R . 16.19 -11.78 25.62
C1 EDO S . 10.78 24.07 26.11
O1 EDO S . 11.15 23.07 25.17
C2 EDO S . 9.27 24.10 26.29
O2 EDO S . 8.85 22.87 26.92
#